data_7PRS
#
_entry.id   7PRS
#
_cell.length_a   73.090
_cell.length_b   121.269
_cell.length_c   126.732
_cell.angle_alpha   90.000
_cell.angle_beta   90.000
_cell.angle_gamma   90.000
#
_symmetry.space_group_name_H-M   'P 21 21 21'
#
loop_
_entity.id
_entity.type
_entity.pdbx_description
1 polymer 'Heat-labile enterotoxin IIA, B chain'
2 branched 'N-acetyl-alpha-neuraminic acid-(2-3)-beta-D-galactopyranose-(1-4)-2-acetamido-2-deoxy-beta-D-glucopyranose-(1-3)-beta-D-galactopyranose-(1-4)-alpha-D-glucopyranose'
3 branched 'N-acetyl-alpha-neuraminic acid-(2-3)-beta-D-galactopyranose-(1-4)-2-acetamido-2-deoxy-beta-D-glucopyranose-(1-3)-beta-D-galactopyranose'
4 branched 'N-acetyl-alpha-neuraminic acid-(2-3)-beta-D-galactopyranose-(1-4)-2-acetamido-2-deoxy-beta-D-glucopyranose'
5 non-polymer 'SULFATE ION'
6 non-polymer 'N-acetyl-alpha-neuraminic acid'
7 water water
#
_entity_poly.entity_id   1
_entity_poly.type   'polypeptide(L)'
_entity_poly.pdbx_seq_one_letter_code
;GVSKTFKDKCASTTAKLVQSVQLVNISSDVNKDSKGIYISSSAGKTWFIPGGQYYPDNYLSNEMRKIAMAAVLSNVRVNL
CASEAYTPNHVWAIELAPHHHHHH
;
_entity_poly.pdbx_strand_id   DDD,EEE,FFF,GGG,HHH,III,JJJ,KKK,LLL,MMM
#
# COMPACT_ATOMS: atom_id res chain seq x y z
N GLY A 1 24.47 11.89 -24.99
CA GLY A 1 23.55 12.40 -26.06
C GLY A 1 22.10 12.05 -25.73
N VAL A 2 21.21 12.26 -26.69
CA VAL A 2 19.75 12.01 -26.56
C VAL A 2 19.42 10.77 -27.38
N SER A 3 18.69 9.82 -26.80
CA SER A 3 18.30 8.60 -27.53
C SER A 3 17.30 9.02 -28.60
N LYS A 4 17.32 8.36 -29.75
CA LYS A 4 16.34 8.64 -30.83
C LYS A 4 14.94 8.42 -30.29
N THR A 5 14.71 7.34 -29.55
CA THR A 5 13.36 7.06 -28.98
C THR A 5 12.92 8.23 -28.10
N PHE A 6 13.81 8.75 -27.23
CA PHE A 6 13.47 9.88 -26.33
C PHE A 6 13.01 11.07 -27.18
N LYS A 7 13.79 11.41 -28.19
CA LYS A 7 13.47 12.57 -29.07
C LYS A 7 12.11 12.33 -29.77
N ASP A 8 11.93 11.14 -30.35
CA ASP A 8 10.71 10.81 -31.13
C ASP A 8 9.49 10.83 -30.20
N LYS A 9 9.59 10.25 -28.99
CA LYS A 9 8.43 10.23 -28.07
C LYS A 9 8.10 11.67 -27.68
N CYS A 10 9.10 12.52 -27.43
CA CYS A 10 8.83 13.92 -27.02
C CYS A 10 8.14 14.67 -28.19
N ALA A 11 8.56 14.40 -29.43
CA ALA A 11 8.06 15.08 -30.65
C ALA A 11 6.58 14.75 -30.85
N SER A 12 6.06 13.65 -30.29
CA SER A 12 4.63 13.25 -30.44
C SER A 12 3.74 14.04 -29.49
N THR A 13 4.29 14.96 -28.70
CA THR A 13 3.55 15.75 -27.69
C THR A 13 3.74 17.24 -27.93
N THR A 14 3.11 18.08 -27.12
CA THR A 14 3.24 19.56 -27.16
C THR A 14 4.48 20.02 -26.41
N ALA A 15 5.22 19.11 -25.77
CA ALA A 15 6.37 19.45 -24.91
C ALA A 15 7.60 19.59 -25.82
N LYS A 16 8.60 20.35 -25.33
CA LYS A 16 9.86 20.71 -26.01
C LYS A 16 10.96 19.79 -25.49
N LEU A 17 11.86 19.39 -26.38
CA LEU A 17 13.08 18.64 -26.00
C LEU A 17 14.06 19.66 -25.47
N VAL A 18 14.62 19.45 -24.28
CA VAL A 18 15.77 20.23 -23.79
C VAL A 18 16.94 19.26 -23.65
N GLN A 19 18.02 19.50 -24.39
CA GLN A 19 19.11 18.53 -24.53
C GLN A 19 20.31 18.88 -23.67
N SER A 20 20.94 17.89 -23.04
CA SER A 20 22.23 18.04 -22.31
C SER A 20 22.12 19.18 -21.32
N VAL A 21 21.14 19.15 -20.45
CA VAL A 21 20.99 20.13 -19.34
C VAL A 21 21.88 19.66 -18.17
N GLN A 22 22.59 20.57 -17.52
CA GLN A 22 23.28 20.24 -16.27
C GLN A 22 22.41 20.77 -15.14
N LEU A 23 21.84 19.86 -14.37
CA LEU A 23 21.07 20.24 -13.16
C LEU A 23 22.03 20.49 -12.02
N VAL A 24 21.83 21.58 -11.28
CA VAL A 24 22.71 21.93 -10.13
C VAL A 24 21.90 22.04 -8.85
N ASN A 25 20.57 21.99 -8.93
CA ASN A 25 19.74 21.94 -7.70
C ASN A 25 18.57 20.95 -7.92
N ILE A 26 18.19 20.29 -6.85
CA ILE A 26 16.87 19.58 -6.77
C ILE A 26 16.34 19.88 -5.39
N SER A 27 15.03 20.13 -5.31
CA SER A 27 14.40 20.46 -4.03
C SER A 27 13.10 19.66 -3.90
N SER A 28 12.74 19.42 -2.65
CA SER A 28 11.43 18.88 -2.30
C SER A 28 10.80 19.87 -1.32
N ASP A 29 9.52 20.16 -1.52
CA ASP A 29 8.79 21.26 -0.85
C ASP A 29 7.44 20.65 -0.41
N VAL A 30 7.10 20.70 0.87
CA VAL A 30 5.80 20.26 1.40
C VAL A 30 4.93 21.48 1.79
N ASN A 31 5.29 22.70 1.38
CA ASN A 31 4.44 23.90 1.65
C ASN A 31 3.11 23.79 0.90
N LYS A 32 2.02 24.23 1.55
CA LYS A 32 0.61 24.08 1.08
C LYS A 32 0.52 24.48 -0.38
N ASP A 33 1.08 25.61 -0.76
CA ASP A 33 0.79 26.20 -2.09
C ASP A 33 1.88 25.82 -3.11
N SER A 34 2.98 25.18 -2.70
CA SER A 34 4.14 24.99 -3.61
C SER A 34 4.65 23.53 -3.59
N LYS A 35 3.90 22.61 -2.99
CA LYS A 35 4.21 21.17 -2.85
C LYS A 35 4.82 20.66 -4.16
N GLY A 36 5.97 19.99 -4.11
CA GLY A 36 6.45 19.27 -5.30
C GLY A 36 7.96 19.24 -5.39
N ILE A 37 8.43 18.67 -6.51
CA ILE A 37 9.88 18.50 -6.79
C ILE A 37 10.27 19.51 -7.84
N TYR A 38 11.32 20.27 -7.58
CA TYR A 38 11.84 21.23 -8.56
C TYR A 38 13.28 20.88 -8.82
N ILE A 39 13.70 21.12 -10.05
CA ILE A 39 15.09 20.96 -10.50
C ILE A 39 15.51 22.24 -11.20
N SER A 40 16.78 22.61 -11.07
CA SER A 40 17.28 23.86 -11.67
C SER A 40 18.59 23.59 -12.36
N SER A 41 18.77 24.24 -13.50
CA SER A 41 19.98 24.16 -14.37
C SER A 41 21.05 25.13 -13.87
N SER A 42 22.27 24.95 -14.32
CA SER A 42 23.38 25.89 -14.03
C SER A 42 23.02 27.32 -14.49
N ALA A 43 22.24 27.48 -15.56
CA ALA A 43 21.79 28.80 -16.05
C ALA A 43 20.72 29.39 -15.12
N GLY A 44 20.12 28.62 -14.19
CA GLY A 44 19.10 29.13 -13.28
C GLY A 44 17.65 28.85 -13.72
N LYS A 45 17.41 28.17 -14.85
CA LYS A 45 16.06 27.73 -15.24
C LYS A 45 15.55 26.62 -14.28
N THR A 46 14.27 26.67 -13.90
CA THR A 46 13.68 25.69 -12.98
C THR A 46 12.56 24.93 -13.68
N TRP A 47 12.47 23.62 -13.43
CA TRP A 47 11.33 22.79 -13.88
C TRP A 47 10.69 22.16 -12.65
N PHE A 48 9.47 21.73 -12.83
CA PHE A 48 8.66 20.99 -11.87
C PHE A 48 8.49 19.57 -12.38
N ILE A 49 8.71 18.61 -11.49
CA ILE A 49 8.45 17.17 -11.79
C ILE A 49 7.16 16.80 -11.08
N PRO A 50 6.08 16.57 -11.83
CA PRO A 50 4.80 16.17 -11.22
C PRO A 50 4.95 14.82 -10.52
N GLY A 51 4.16 14.62 -9.50
CA GLY A 51 4.04 13.34 -8.77
C GLY A 51 3.02 12.42 -9.42
N GLY A 52 2.91 11.20 -8.95
CA GLY A 52 1.87 10.27 -9.42
C GLY A 52 1.30 9.53 -8.25
N GLN A 53 -0.05 9.57 -8.03
CA GLN A 53 -0.62 8.85 -6.86
C GLN A 53 -0.88 7.39 -7.27
N TYR A 54 -1.18 7.09 -8.53
CA TYR A 54 -1.61 5.74 -8.96
C TYR A 54 -0.61 5.09 -9.92
N TYR A 55 -0.70 3.77 -10.04
CA TYR A 55 0.05 3.00 -11.06
C TYR A 55 -0.40 3.49 -12.42
N PRO A 56 0.49 3.69 -13.41
CA PRO A 56 1.94 3.50 -13.28
C PRO A 56 2.69 4.80 -12.96
N ASP A 57 2.00 5.94 -12.92
CA ASP A 57 2.65 7.25 -12.69
C ASP A 57 3.41 7.28 -11.34
N ASN A 58 2.94 6.56 -10.33
CA ASN A 58 3.62 6.47 -9.02
C ASN A 58 5.08 6.00 -9.23
N TYR A 59 5.32 4.84 -9.84
CA TYR A 59 6.69 4.33 -9.96
C TYR A 59 7.41 5.14 -11.05
N LEU A 60 6.76 5.59 -12.09
CA LEU A 60 7.43 6.32 -13.16
C LEU A 60 7.92 7.67 -12.64
N SER A 61 7.10 8.34 -11.85
CA SER A 61 7.47 9.65 -11.27
C SER A 61 8.65 9.42 -10.31
N ASN A 62 8.63 8.35 -9.57
CA ASN A 62 9.71 8.01 -8.64
C ASN A 62 11.02 7.85 -9.45
N GLU A 63 10.99 7.16 -10.61
CA GLU A 63 12.20 7.01 -11.43
C GLU A 63 12.65 8.36 -11.99
N MET A 64 11.72 9.25 -12.34
CA MET A 64 12.10 10.59 -12.82
C MET A 64 12.88 11.32 -11.72
N ARG A 65 12.42 11.19 -10.47
CA ARG A 65 13.09 11.85 -9.33
C ARG A 65 14.49 11.23 -9.10
N LYS A 66 14.62 9.89 -9.20
CA LYS A 66 15.91 9.25 -8.99
C LYS A 66 16.88 9.72 -10.08
N ILE A 67 16.42 9.85 -11.32
CA ILE A 67 17.28 10.34 -12.42
C ILE A 67 17.75 11.76 -12.11
N ALA A 68 16.83 12.62 -11.75
CA ALA A 68 17.16 14.04 -11.45
C ALA A 68 18.11 14.13 -10.27
N MET A 69 17.88 13.35 -9.23
CA MET A 69 18.69 13.39 -8.01
C MET A 69 20.14 12.96 -8.33
N ALA A 70 20.28 11.89 -9.06
CA ALA A 70 21.61 11.37 -9.52
C ALA A 70 22.28 12.41 -10.41
N ALA A 71 21.55 13.07 -11.29
CA ALA A 71 22.10 14.10 -12.17
C ALA A 71 22.69 15.24 -11.34
N VAL A 72 22.00 15.67 -10.30
CA VAL A 72 22.48 16.78 -9.43
C VAL A 72 23.67 16.29 -8.64
N LEU A 73 23.53 15.15 -7.96
CA LEU A 73 24.53 14.71 -7.01
C LEU A 73 25.81 14.29 -7.77
N SER A 74 25.70 13.64 -8.93
CA SER A 74 26.89 13.14 -9.66
C SER A 74 27.38 14.17 -10.71
N ASN A 75 26.66 15.26 -10.91
CA ASN A 75 26.96 16.29 -11.92
C ASN A 75 27.01 15.67 -13.31
N VAL A 76 25.94 14.98 -13.70
CA VAL A 76 25.83 14.37 -15.05
C VAL A 76 24.61 14.96 -15.74
N ARG A 77 24.67 15.00 -17.08
CA ARG A 77 23.65 15.67 -17.91
C ARG A 77 22.38 14.82 -17.98
N VAL A 78 21.27 15.49 -18.24
CA VAL A 78 19.97 14.86 -18.62
C VAL A 78 19.46 15.50 -19.91
N ASN A 79 18.53 14.81 -20.56
CA ASN A 79 17.60 15.38 -21.56
C ASN A 79 16.23 15.49 -20.91
N LEU A 80 15.51 16.57 -21.15
CA LEU A 80 14.14 16.77 -20.63
C LEU A 80 13.16 16.81 -21.79
N CYS A 81 11.96 16.31 -21.54
CA CYS A 81 10.78 16.58 -22.39
C CYS A 81 9.85 17.42 -21.53
N ALA A 82 9.78 18.74 -21.79
CA ALA A 82 9.18 19.70 -20.84
C ALA A 82 8.07 20.51 -21.51
N SER A 83 6.92 20.65 -20.86
CA SER A 83 5.78 21.49 -21.31
C SER A 83 6.00 22.96 -20.87
N GLU A 84 5.96 23.89 -21.81
CA GLU A 84 6.07 25.33 -21.54
C GLU A 84 4.70 25.93 -21.19
N ALA A 85 3.63 25.13 -21.16
CA ALA A 85 2.28 25.59 -20.77
C ALA A 85 2.22 25.91 -19.27
N TYR A 86 3.29 25.75 -18.48
CA TYR A 86 3.26 26.02 -17.03
C TYR A 86 4.50 26.78 -16.65
N THR A 87 4.44 27.37 -15.47
CA THR A 87 5.57 28.10 -14.85
C THR A 87 5.63 27.66 -13.40
N PRO A 88 6.73 26.98 -12.96
CA PRO A 88 7.78 26.49 -13.86
C PRO A 88 7.28 25.46 -14.88
N ASN A 89 8.04 25.24 -15.96
CA ASN A 89 7.68 24.25 -16.98
C ASN A 89 7.60 22.84 -16.32
N HIS A 90 6.74 21.97 -16.81
CA HIS A 90 6.54 20.60 -16.24
C HIS A 90 7.37 19.60 -17.02
N VAL A 91 8.08 18.75 -16.32
CA VAL A 91 8.84 17.63 -16.95
C VAL A 91 7.83 16.49 -17.18
N TRP A 92 7.73 16.03 -18.41
CA TRP A 92 6.90 14.90 -18.80
C TRP A 92 7.78 13.68 -19.11
N ALA A 93 9.06 13.87 -19.32
CA ALA A 93 9.99 12.74 -19.46
C ALA A 93 11.41 13.26 -19.20
N ILE A 94 12.26 12.39 -18.69
CA ILE A 94 13.65 12.78 -18.39
C ILE A 94 14.51 11.58 -18.73
N GLU A 95 15.68 11.87 -19.29
CA GLU A 95 16.65 10.86 -19.69
C GLU A 95 18.01 11.16 -19.10
N LEU A 96 18.55 10.22 -18.33
CA LEU A 96 19.93 10.35 -17.80
C LEU A 96 20.89 10.19 -19.00
N ALA A 97 21.85 11.09 -19.15
CA ALA A 97 22.73 11.11 -20.33
C ALA A 97 24.14 11.44 -19.91
N PRO A 98 24.81 10.57 -19.16
CA PRO A 98 26.11 10.89 -18.59
C PRO A 98 27.24 11.16 -19.58
N HIS A 99 27.27 10.63 -20.77
CA HIS A 99 28.52 10.81 -21.59
C HIS A 99 28.74 12.17 -22.29
N GLY B 1 30.81 -11.04 -17.34
CA GLY B 1 30.23 -12.12 -18.18
C GLY B 1 28.78 -12.38 -17.79
N VAL B 2 28.21 -13.43 -18.37
CA VAL B 2 26.80 -13.85 -18.14
C VAL B 2 26.80 -15.08 -17.23
N SER B 3 25.98 -15.08 -16.18
CA SER B 3 25.84 -16.26 -15.30
C SER B 3 25.21 -17.37 -16.13
N LYS B 4 25.62 -18.61 -15.90
CA LYS B 4 25.01 -19.76 -16.62
C LYS B 4 23.53 -19.79 -16.30
N THR B 5 23.15 -19.59 -15.03
CA THR B 5 21.70 -19.56 -14.65
C THR B 5 20.95 -18.54 -15.52
N PHE B 6 21.48 -17.31 -15.68
CA PHE B 6 20.80 -16.24 -16.46
C PHE B 6 20.61 -16.74 -17.89
N LYS B 7 21.67 -17.28 -18.50
CA LYS B 7 21.59 -17.80 -19.89
C LYS B 7 20.54 -18.93 -19.97
N ASP B 8 20.58 -19.88 -19.05
CA ASP B 8 19.65 -21.06 -19.08
C ASP B 8 18.21 -20.59 -18.87
N LYS B 9 17.97 -19.66 -17.93
CA LYS B 9 16.60 -19.14 -17.71
C LYS B 9 16.12 -18.45 -18.99
N CYS B 10 16.97 -17.67 -19.66
CA CYS B 10 16.57 -16.95 -20.89
C CYS B 10 16.23 -17.97 -22.00
N ALA B 11 17.00 -19.06 -22.09
CA ALA B 11 16.84 -20.11 -23.13
C ALA B 11 15.49 -20.80 -22.97
N SER B 12 14.87 -20.79 -21.78
CA SER B 12 13.56 -21.46 -21.52
C SER B 12 12.41 -20.57 -22.01
N THR B 13 12.68 -19.42 -22.64
CA THR B 13 11.63 -18.47 -23.11
C THR B 13 11.82 -18.18 -24.59
N THR B 14 10.92 -17.39 -25.17
CA THR B 14 11.00 -16.88 -26.56
C THR B 14 11.95 -15.69 -26.69
N ALA B 15 12.50 -15.20 -25.60
CA ALA B 15 13.33 -13.96 -25.57
C ALA B 15 14.77 -14.35 -25.91
N LYS B 16 15.55 -13.38 -26.41
CA LYS B 16 16.94 -13.54 -26.88
C LYS B 16 17.89 -12.98 -25.80
N LEU B 17 19.03 -13.63 -25.64
CA LEU B 17 20.09 -13.19 -24.74
C LEU B 17 20.85 -12.08 -25.44
N VAL B 18 21.02 -10.93 -24.78
CA VAL B 18 21.94 -9.87 -25.25
C VAL B 18 23.02 -9.72 -24.19
N GLN B 19 24.26 -9.97 -24.58
CA GLN B 19 25.38 -10.10 -23.62
C GLN B 19 26.19 -8.83 -23.61
N SER B 20 26.67 -8.41 -22.43
CA SER B 20 27.67 -7.33 -22.26
C SER B 20 27.20 -6.08 -23.00
N VAL B 21 25.99 -5.60 -22.73
CA VAL B 21 25.47 -4.32 -23.29
C VAL B 21 25.98 -3.18 -22.41
N GLN B 22 26.44 -2.07 -23.01
CA GLN B 22 26.76 -0.86 -22.27
C GLN B 22 25.60 0.09 -22.47
N LEU B 23 24.82 0.30 -21.42
CA LEU B 23 23.72 1.27 -21.46
C LEU B 23 24.30 2.64 -21.21
N VAL B 24 23.87 3.62 -22.00
CA VAL B 24 24.32 5.02 -21.89
C VAL B 24 23.15 5.95 -21.62
N ASN B 25 21.92 5.47 -21.70
CA ASN B 25 20.75 6.30 -21.32
C ASN B 25 19.71 5.45 -20.58
N ILE B 26 19.03 6.06 -19.62
CA ILE B 26 17.79 5.48 -19.05
C ILE B 26 16.83 6.66 -18.93
N SER B 27 15.57 6.43 -19.25
CA SER B 27 14.56 7.50 -19.19
C SER B 27 13.33 6.98 -18.50
N SER B 28 12.58 7.88 -17.93
CA SER B 28 11.21 7.62 -17.43
C SER B 28 10.31 8.67 -18.10
N ASP B 29 9.14 8.21 -18.54
CA ASP B 29 8.22 8.98 -19.42
C ASP B 29 6.83 8.78 -18.84
N VAL B 30 6.13 9.85 -18.48
CA VAL B 30 4.71 9.77 -18.03
C VAL B 30 3.76 10.33 -19.12
N ASN B 31 4.23 10.53 -20.36
CA ASN B 31 3.33 10.94 -21.46
C ASN B 31 2.30 9.84 -21.77
N LYS B 32 1.06 10.28 -22.05
CA LYS B 32 -0.13 9.41 -22.19
C LYS B 32 0.19 8.23 -23.08
N ASP B 33 0.81 8.44 -24.23
CA ASP B 33 0.93 7.35 -25.23
C ASP B 33 2.28 6.61 -25.12
N SER B 34 3.20 7.02 -24.27
CA SER B 34 4.58 6.46 -24.28
C SER B 34 5.08 6.16 -22.87
N LYS B 35 4.21 6.15 -21.87
CA LYS B 35 4.46 5.86 -20.44
C LYS B 35 5.44 4.68 -20.33
N GLY B 36 6.53 4.82 -19.58
CA GLY B 36 7.41 3.67 -19.30
C GLY B 36 8.85 4.06 -19.06
N ILE B 37 9.66 3.03 -18.84
CA ILE B 37 11.12 3.11 -18.65
C ILE B 37 11.77 2.61 -19.92
N TYR B 38 12.71 3.39 -20.46
CA TYR B 38 13.47 2.99 -21.65
C TYR B 38 14.94 3.05 -21.27
N ILE B 39 15.71 2.17 -21.88
CA ILE B 39 17.18 2.13 -21.75
C ILE B 39 17.76 2.07 -23.16
N SER B 40 18.91 2.70 -23.35
CA SER B 40 19.55 2.72 -24.67
C SER B 40 21.02 2.39 -24.54
N SER B 41 21.53 1.61 -25.49
CA SER B 41 22.94 1.16 -25.58
C SER B 41 23.78 2.24 -26.28
N SER B 42 25.09 2.12 -26.15
CA SER B 42 26.04 3.03 -26.86
C SER B 42 25.82 2.96 -28.38
N ALA B 43 25.41 1.81 -28.92
CA ALA B 43 25.11 1.65 -30.36
C ALA B 43 23.79 2.37 -30.74
N GLY B 44 22.96 2.77 -29.79
CA GLY B 44 21.69 3.47 -30.08
C GLY B 44 20.47 2.56 -30.06
N LYS B 45 20.58 1.28 -29.77
CA LYS B 45 19.41 0.38 -29.57
C LYS B 45 18.66 0.76 -28.26
N THR B 46 17.34 0.74 -28.27
CA THR B 46 16.48 1.05 -27.13
C THR B 46 15.67 -0.18 -26.73
N TRP B 47 15.52 -0.40 -25.42
CA TRP B 47 14.60 -1.41 -24.89
C TRP B 47 13.64 -0.72 -23.95
N PHE B 48 12.52 -1.40 -23.73
CA PHE B 48 11.47 -1.00 -22.78
C PHE B 48 11.50 -1.96 -21.59
N ILE B 49 11.45 -1.41 -20.38
CA ILE B 49 11.37 -2.24 -19.15
C ILE B 49 9.93 -2.15 -18.65
N PRO B 50 9.16 -3.23 -18.77
CA PRO B 50 7.78 -3.24 -18.29
C PRO B 50 7.69 -3.02 -16.78
N GLY B 51 6.60 -2.44 -16.35
CA GLY B 51 6.27 -2.27 -14.93
C GLY B 51 5.56 -3.49 -14.37
N GLY B 52 5.36 -3.52 -13.04
CA GLY B 52 4.52 -4.56 -12.43
C GLY B 52 3.61 -3.94 -11.41
N GLN B 53 2.28 -4.14 -11.49
CA GLN B 53 1.36 -3.50 -10.51
C GLN B 53 1.24 -4.43 -9.28
N TYR B 54 1.37 -5.74 -9.40
CA TYR B 54 1.16 -6.71 -8.32
C TYR B 54 2.42 -7.49 -7.96
N TYR B 55 2.43 -8.08 -6.77
CA TYR B 55 3.45 -9.02 -6.29
C TYR B 55 3.45 -10.20 -7.24
N PRO B 56 4.60 -10.75 -7.68
CA PRO B 56 5.94 -10.25 -7.34
C PRO B 56 6.53 -9.30 -8.38
N ASP B 57 5.83 -9.08 -9.49
CA ASP B 57 6.34 -8.23 -10.60
C ASP B 57 6.64 -6.79 -10.11
N ASN B 58 5.92 -6.29 -9.13
CA ASN B 58 6.14 -4.93 -8.58
C ASN B 58 7.60 -4.85 -8.08
N TYR B 59 8.04 -5.72 -7.15
CA TYR B 59 9.41 -5.58 -6.60
C TYR B 59 10.41 -6.05 -7.66
N LEU B 60 10.09 -7.03 -8.50
CA LEU B 60 11.07 -7.54 -9.47
C LEU B 60 11.34 -6.44 -10.52
N SER B 61 10.28 -5.77 -10.98
CA SER B 61 10.43 -4.73 -12.00
C SER B 61 11.26 -3.59 -11.37
N ASN B 62 11.02 -3.28 -10.09
CA ASN B 62 11.79 -2.25 -9.39
C ASN B 62 13.28 -2.62 -9.39
N GLU B 63 13.63 -3.90 -9.11
CA GLU B 63 15.04 -4.31 -9.13
C GLU B 63 15.61 -4.23 -10.54
N MET B 64 14.84 -4.55 -11.58
CA MET B 64 15.33 -4.39 -12.95
C MET B 64 15.69 -2.93 -13.22
N ARG B 65 14.86 -2.01 -12.75
CA ARG B 65 15.11 -0.56 -12.92
C ARG B 65 16.38 -0.15 -12.13
N LYS B 66 16.57 -0.64 -10.91
CA LYS B 66 17.75 -0.29 -10.12
C LYS B 66 19.00 -0.79 -10.84
N ILE B 67 18.94 -1.98 -11.43
CA ILE B 67 20.10 -2.54 -12.17
C ILE B 67 20.40 -1.63 -13.35
N ALA B 68 19.38 -1.29 -14.13
CA ALA B 68 19.57 -0.47 -15.34
C ALA B 68 20.11 0.91 -14.95
N MET B 69 19.59 1.49 -13.87
CA MET B 69 19.98 2.84 -13.46
C MET B 69 21.47 2.84 -13.07
N ALA B 70 21.85 1.88 -12.26
CA ALA B 70 23.26 1.69 -11.83
C ALA B 70 24.16 1.45 -13.05
N ALA B 71 23.73 0.65 -13.99
CA ALA B 71 24.49 0.38 -15.22
C ALA B 71 24.79 1.68 -15.97
N VAL B 72 23.80 2.54 -16.11
CA VAL B 72 23.98 3.83 -16.81
C VAL B 72 24.85 4.74 -15.99
N LEU B 73 24.54 4.92 -14.72
CA LEU B 73 25.18 5.93 -13.88
C LEU B 73 26.64 5.51 -13.65
N SER B 74 26.92 4.22 -13.44
CA SER B 74 28.29 3.75 -13.09
C SER B 74 29.04 3.29 -14.35
N ASN B 75 28.40 3.27 -15.50
CA ASN B 75 28.97 2.81 -16.80
C ASN B 75 29.47 1.37 -16.64
N VAL B 76 28.60 0.46 -16.22
CA VAL B 76 28.92 -0.98 -16.08
C VAL B 76 27.97 -1.78 -16.95
N ARG B 77 28.44 -2.93 -17.43
CA ARG B 77 27.73 -3.75 -18.44
C ARG B 77 26.57 -4.50 -17.75
N VAL B 78 25.59 -4.85 -18.56
CA VAL B 78 24.48 -5.76 -18.19
C VAL B 78 24.36 -6.85 -19.26
N ASN B 79 23.69 -7.92 -18.88
CA ASN B 79 23.10 -8.92 -19.83
C ASN B 79 21.60 -8.74 -19.83
N LEU B 80 20.97 -8.80 -21.00
CA LEU B 80 19.51 -8.68 -21.11
C LEU B 80 18.93 -10.00 -21.61
N CYS B 81 17.72 -10.31 -21.16
CA CYS B 81 16.85 -11.32 -21.79
C CYS B 81 15.68 -10.53 -22.39
N ALA B 82 15.67 -10.34 -23.71
CA ALA B 82 14.79 -9.36 -24.37
C ALA B 82 13.88 -10.04 -25.41
N SER B 83 12.59 -9.73 -25.39
CA SER B 83 11.61 -10.21 -26.40
C SER B 83 11.62 -9.29 -27.62
N GLU B 84 11.82 -9.86 -28.81
CA GLU B 84 11.80 -9.11 -30.08
C GLU B 84 10.36 -9.00 -30.62
N ALA B 85 9.36 -9.50 -29.90
CA ALA B 85 7.95 -9.43 -30.32
C ALA B 85 7.43 -7.99 -30.19
N TYR B 86 8.21 -7.02 -29.72
CA TYR B 86 7.75 -5.62 -29.54
C TYR B 86 8.85 -4.71 -30.06
N THR B 87 8.48 -3.48 -30.35
CA THR B 87 9.39 -2.40 -30.78
C THR B 87 9.04 -1.17 -29.96
N PRO B 88 9.94 -0.67 -29.08
CA PRO B 88 11.20 -1.34 -28.75
C PRO B 88 11.02 -2.72 -28.09
N ASN B 89 12.06 -3.53 -28.16
CA ASN B 89 12.06 -4.87 -27.53
C ASN B 89 11.82 -4.72 -26.01
N HIS B 90 11.16 -5.67 -25.39
CA HIS B 90 10.85 -5.65 -23.93
C HIS B 90 11.89 -6.46 -23.17
N VAL B 91 12.39 -5.89 -22.08
CA VAL B 91 13.32 -6.61 -21.18
C VAL B 91 12.50 -7.51 -20.26
N TRP B 92 12.77 -8.81 -20.24
CA TRP B 92 12.10 -9.75 -19.34
C TRP B 92 13.05 -10.19 -18.24
N ALA B 93 14.36 -9.96 -18.42
CA ALA B 93 15.29 -10.18 -17.28
C ALA B 93 16.55 -9.35 -17.56
N ILE B 94 17.22 -8.95 -16.50
CA ILE B 94 18.45 -8.15 -16.66
C ILE B 94 19.42 -8.59 -15.59
N GLU B 95 20.68 -8.64 -15.93
CA GLU B 95 21.76 -9.03 -15.03
C GLU B 95 22.84 -7.96 -14.99
N LEU B 96 23.16 -7.47 -13.79
CA LEU B 96 24.30 -6.55 -13.64
C LEU B 96 25.59 -7.37 -13.81
N ALA B 97 26.54 -6.92 -14.62
CA ALA B 97 27.73 -7.72 -14.93
C ALA B 97 28.94 -6.79 -15.01
N PRO B 98 29.37 -6.24 -13.86
CA PRO B 98 30.43 -5.24 -13.86
C PRO B 98 31.78 -5.65 -14.40
N HIS B 99 32.20 -6.88 -14.20
CA HIS B 99 33.57 -7.30 -14.60
C HIS B 99 33.47 -7.94 -16.00
N GLY C 1 35.01 -9.90 7.73
CA GLY C 1 34.72 -11.21 8.39
C GLY C 1 33.23 -11.39 8.64
N VAL C 2 32.89 -12.42 9.39
CA VAL C 2 31.49 -12.83 9.72
C VAL C 2 31.22 -12.46 11.17
N SER C 3 30.11 -11.80 11.45
CA SER C 3 29.72 -11.48 12.84
C SER C 3 29.45 -12.81 13.56
N LYS C 4 29.77 -12.88 14.84
CA LYS C 4 29.46 -14.06 15.67
C LYS C 4 27.95 -14.33 15.60
N THR C 5 27.14 -13.30 15.78
CA THR C 5 25.66 -13.44 15.75
C THR C 5 25.24 -14.09 14.41
N PHE C 6 25.77 -13.61 13.28
CA PHE C 6 25.40 -14.14 11.94
C PHE C 6 25.71 -15.64 11.91
N LYS C 7 26.92 -16.01 12.31
CA LYS C 7 27.34 -17.44 12.33
C LYS C 7 26.40 -18.26 13.23
N ASP C 8 26.17 -17.78 14.44
CA ASP C 8 25.36 -18.53 15.44
C ASP C 8 23.91 -18.67 14.94
N LYS C 9 23.32 -17.60 14.39
CA LYS C 9 21.93 -17.68 13.89
C LYS C 9 21.87 -18.68 12.74
N CYS C 10 22.86 -18.69 11.84
CA CYS C 10 22.84 -19.63 10.70
C CYS C 10 22.94 -21.09 11.22
N ALA C 11 23.78 -21.30 12.25
CA ALA C 11 24.02 -22.66 12.83
C ALA C 11 22.73 -23.23 13.44
N SER C 12 21.77 -22.39 13.82
CA SER C 12 20.50 -22.83 14.45
C SER C 12 19.51 -23.32 13.40
N THR C 13 19.88 -23.36 12.12
CA THR C 13 18.98 -23.77 11.00
C THR C 13 19.65 -24.90 10.21
N THR C 14 18.96 -25.40 9.19
CA THR C 14 19.47 -26.40 8.21
C THR C 14 20.34 -25.76 7.14
N ALA C 15 20.48 -24.45 7.14
CA ALA C 15 21.24 -23.71 6.10
C ALA C 15 22.72 -23.70 6.47
N LYS C 16 23.57 -23.55 5.46
CA LYS C 16 25.05 -23.58 5.54
C LYS C 16 25.56 -22.13 5.48
N LEU C 17 26.60 -21.84 6.25
CA LEU C 17 27.29 -20.55 6.23
C LEU C 17 28.22 -20.55 5.03
N VAL C 18 28.15 -19.54 4.18
CA VAL C 18 29.16 -19.28 3.13
C VAL C 18 29.84 -17.96 3.44
N GLN C 19 31.13 -17.98 3.66
CA GLN C 19 31.87 -16.82 4.24
C GLN C 19 32.63 -16.10 3.14
N SER C 20 32.68 -14.75 3.20
CA SER C 20 33.55 -13.88 2.36
C SER C 20 33.34 -14.24 0.89
N VAL C 21 32.12 -14.25 0.42
CA VAL C 21 31.78 -14.49 -1.01
C VAL C 21 31.93 -13.16 -1.74
N GLN C 22 32.53 -13.18 -2.94
CA GLN C 22 32.48 -11.99 -3.82
C GLN C 22 31.38 -12.21 -4.85
N LEU C 23 30.31 -11.45 -4.76
CA LEU C 23 29.24 -11.50 -5.79
C LEU C 23 29.68 -10.67 -7.00
N VAL C 24 29.49 -11.22 -8.20
CA VAL C 24 29.87 -10.57 -9.47
C VAL C 24 28.65 -10.40 -10.37
N ASN C 25 27.52 -11.00 -10.04
CA ASN C 25 26.28 -10.80 -10.79
C ASN C 25 25.08 -10.72 -9.84
N ILE C 26 24.11 -9.90 -10.21
CA ILE C 26 22.77 -9.93 -9.62
C ILE C 26 21.81 -9.75 -10.78
N SER C 27 20.71 -10.47 -10.76
CA SER C 27 19.72 -10.34 -11.86
C SER C 27 18.33 -10.28 -11.25
N SER C 28 17.42 -9.70 -12.01
CA SER C 28 15.98 -9.77 -11.71
C SER C 28 15.33 -10.29 -12.98
N ASP C 29 14.37 -11.20 -12.82
CA ASP C 29 13.76 -11.97 -13.91
C ASP C 29 12.25 -11.94 -13.65
N VAL C 30 11.45 -11.47 -14.60
CA VAL C 30 9.96 -11.54 -14.49
C VAL C 30 9.39 -12.63 -15.44
N ASN C 31 10.22 -13.52 -15.97
CA ASN C 31 9.72 -14.65 -16.82
C ASN C 31 8.89 -15.61 -15.99
N LYS C 32 7.79 -16.09 -16.58
CA LYS C 32 6.74 -16.91 -15.91
C LYS C 32 7.40 -18.02 -15.11
N ASP C 33 8.35 -18.73 -15.69
CA ASP C 33 8.88 -19.98 -15.06
C ASP C 33 10.10 -19.73 -14.16
N SER C 34 10.67 -18.53 -14.15
CA SER C 34 11.98 -18.32 -13.48
C SER C 34 11.99 -17.01 -12.67
N LYS C 35 10.83 -16.39 -12.43
CA LYS C 35 10.62 -15.14 -11.66
C LYS C 35 11.52 -15.13 -10.43
N GLY C 36 12.33 -14.07 -10.22
CA GLY C 36 13.08 -13.95 -8.95
C GLY C 36 14.38 -13.20 -9.10
N ILE C 37 15.09 -13.13 -7.98
CA ILE C 37 16.41 -12.46 -7.86
C ILE C 37 17.46 -13.55 -7.74
N TYR C 38 18.47 -13.50 -8.58
CA TYR C 38 19.60 -14.43 -8.50
C TYR C 38 20.87 -13.62 -8.31
N ILE C 39 21.81 -14.20 -7.58
CA ILE C 39 23.16 -13.65 -7.37
C ILE C 39 24.19 -14.72 -7.70
N SER C 40 25.34 -14.32 -8.22
CA SER C 40 26.42 -15.29 -8.51
C SER C 40 27.76 -14.80 -8.02
N SER C 41 28.57 -15.70 -7.50
CA SER C 41 29.91 -15.44 -6.96
C SER C 41 30.96 -15.50 -8.08
N SER C 42 32.15 -14.95 -7.82
CA SER C 42 33.28 -15.01 -8.78
C SER C 42 33.65 -16.49 -9.02
N ALA C 43 33.47 -17.38 -8.03
CA ALA C 43 33.73 -18.82 -8.17
C ALA C 43 32.68 -19.49 -9.07
N GLY C 44 31.57 -18.84 -9.39
CA GLY C 44 30.55 -19.41 -10.30
C GLY C 44 29.34 -20.00 -9.57
N LYS C 45 29.27 -20.00 -8.25
CA LYS C 45 28.05 -20.45 -7.52
C LYS C 45 26.89 -19.42 -7.69
N THR C 46 25.67 -19.88 -7.84
CA THR C 46 24.47 -19.04 -7.97
C THR C 46 23.51 -19.31 -6.82
N TRP C 47 22.92 -18.27 -6.24
CA TRP C 47 21.87 -18.38 -5.23
C TRP C 47 20.63 -17.64 -5.70
N PHE C 48 19.51 -17.99 -5.08
CA PHE C 48 18.22 -17.38 -5.28
C PHE C 48 17.88 -16.63 -3.97
N ILE C 49 17.41 -15.39 -4.11
CA ILE C 49 16.94 -14.60 -2.96
C ILE C 49 15.42 -14.58 -3.02
N PRO C 50 14.76 -15.30 -2.10
CA PRO C 50 13.30 -15.30 -2.10
C PRO C 50 12.73 -13.90 -1.84
N GLY C 51 11.55 -13.66 -2.36
CA GLY C 51 10.77 -12.45 -2.04
C GLY C 51 9.96 -12.63 -0.77
N GLY C 52 9.36 -11.56 -0.30
CA GLY C 52 8.38 -11.59 0.80
C GLY C 52 7.21 -10.71 0.44
N GLN C 53 5.98 -11.24 0.48
CA GLN C 53 4.79 -10.44 0.13
C GLN C 53 4.32 -9.66 1.38
N TYR C 54 4.50 -10.16 2.58
CA TYR C 54 3.89 -9.56 3.82
C TYR C 54 4.98 -9.16 4.81
N TYR C 55 4.64 -8.29 5.74
CA TYR C 55 5.47 -7.87 6.88
C TYR C 55 5.77 -9.11 7.71
N PRO C 56 7.00 -9.34 8.19
CA PRO C 56 8.17 -8.48 7.93
C PRO C 56 9.05 -8.91 6.75
N ASP C 57 8.72 -10.04 6.13
CA ASP C 57 9.58 -10.60 5.03
C ASP C 57 9.68 -9.61 3.84
N ASN C 58 8.66 -8.79 3.62
CA ASN C 58 8.68 -7.77 2.54
C ASN C 58 9.92 -6.85 2.75
N TYR C 59 10.06 -6.19 3.89
CA TYR C 59 11.18 -5.23 4.07
C TYR C 59 12.47 -6.01 4.26
N LEU C 60 12.47 -7.18 4.88
CA LEU C 60 13.70 -7.93 5.13
C LEU C 60 14.25 -8.41 3.78
N SER C 61 13.39 -8.90 2.90
CA SER C 61 13.82 -9.40 1.58
C SER C 61 14.37 -8.20 0.78
N ASN C 62 13.74 -7.04 0.90
CA ASN C 62 14.20 -5.82 0.23
C ASN C 62 15.62 -5.49 0.72
N GLU C 63 15.90 -5.60 2.02
CA GLU C 63 17.25 -5.32 2.56
C GLU C 63 18.24 -6.35 2.07
N MET C 64 17.83 -7.61 1.95
CA MET C 64 18.73 -8.63 1.39
C MET C 64 19.14 -8.25 -0.02
N ARG C 65 18.19 -7.79 -0.82
CA ARG C 65 18.46 -7.35 -2.21
C ARG C 65 19.40 -6.13 -2.22
N LYS C 66 19.17 -5.14 -1.35
CA LYS C 66 20.04 -3.96 -1.31
C LYS C 66 21.45 -4.35 -0.94
N ILE C 67 21.60 -5.28 0.01
CA ILE C 67 22.95 -5.76 0.40
C ILE C 67 23.61 -6.43 -0.82
N ALA C 68 22.90 -7.35 -1.47
CA ALA C 68 23.48 -8.07 -2.62
C ALA C 68 23.83 -7.10 -3.76
N MET C 69 22.96 -6.13 -4.02
CA MET C 69 23.15 -5.19 -5.13
C MET C 69 24.43 -4.37 -4.87
N ALA C 70 24.56 -3.84 -3.66
CA ALA C 70 25.74 -3.06 -3.22
C ALA C 70 26.99 -3.93 -3.30
N ALA C 71 26.91 -5.18 -2.89
CA ALA C 71 28.06 -6.11 -2.97
C ALA C 71 28.56 -6.24 -4.42
N VAL C 72 27.63 -6.38 -5.36
CA VAL C 72 27.98 -6.51 -6.79
C VAL C 72 28.54 -5.21 -7.30
N LEU C 73 27.83 -4.12 -7.07
CA LEU C 73 28.15 -2.83 -7.69
C LEU C 73 29.46 -2.32 -7.08
N SER C 74 29.69 -2.48 -5.78
CA SER C 74 30.88 -1.92 -5.09
C SER C 74 32.04 -2.92 -5.04
N ASN C 75 31.81 -4.15 -5.47
CA ASN C 75 32.78 -5.27 -5.38
C ASN C 75 33.23 -5.45 -3.91
N VAL C 76 32.27 -5.63 -2.99
CA VAL C 76 32.60 -5.91 -1.56
C VAL C 76 31.97 -7.25 -1.16
N ARG C 77 32.55 -7.91 -0.17
CA ARG C 77 32.23 -9.31 0.19
C ARG C 77 30.91 -9.33 1.00
N VAL C 78 30.26 -10.47 1.02
CA VAL C 78 29.13 -10.81 1.91
C VAL C 78 29.39 -12.17 2.56
N ASN C 79 28.67 -12.43 3.63
CA ASN C 79 28.46 -13.79 4.19
C ASN C 79 27.03 -14.21 3.87
N LEU C 80 26.83 -15.46 3.47
CA LEU C 80 25.46 -15.98 3.20
C LEU C 80 25.10 -17.07 4.20
N CYS C 81 23.84 -17.16 4.52
CA CYS C 81 23.25 -18.35 5.18
C CYS C 81 22.31 -18.96 4.17
N ALA C 82 22.70 -20.08 3.55
CA ALA C 82 21.99 -20.60 2.34
C ALA C 82 21.50 -22.03 2.57
N SER C 83 20.26 -22.32 2.20
CA SER C 83 19.66 -23.68 2.24
C SER C 83 20.03 -24.45 0.97
N GLU C 84 20.61 -25.64 1.13
CA GLU C 84 20.96 -26.54 0.03
C GLU C 84 19.76 -27.41 -0.38
N ALA C 85 18.59 -27.22 0.22
CA ALA C 85 17.40 -28.02 -0.13
C ALA C 85 16.84 -27.61 -1.49
N TYR C 86 17.41 -26.61 -2.17
CA TYR C 86 16.91 -26.10 -3.47
C TYR C 86 18.14 -25.85 -4.32
N THR C 87 17.97 -25.84 -5.63
CA THR C 87 19.04 -25.59 -6.62
C THR C 87 18.47 -24.62 -7.63
N PRO C 88 18.94 -23.35 -7.75
CA PRO C 88 19.94 -22.80 -6.85
C PRO C 88 19.54 -22.75 -5.38
N ASN C 89 20.56 -22.75 -4.51
CA ASN C 89 20.36 -22.68 -3.05
C ASN C 89 19.63 -21.36 -2.74
N HIS C 90 18.81 -21.35 -1.71
CA HIS C 90 18.00 -20.17 -1.29
C HIS C 90 18.77 -19.43 -0.19
N VAL C 91 18.86 -18.11 -0.32
CA VAL C 91 19.48 -17.28 0.73
C VAL C 91 18.45 -17.04 1.83
N TRP C 92 18.79 -17.41 3.07
CA TRP C 92 17.90 -17.13 4.22
C TRP C 92 18.47 -16.02 5.07
N ALA C 93 19.74 -15.67 4.88
CA ALA C 93 20.30 -14.48 5.55
C ALA C 93 21.51 -14.03 4.76
N ILE C 94 21.78 -12.74 4.77
CA ILE C 94 22.98 -12.21 4.09
C ILE C 94 23.53 -11.10 4.95
N GLU C 95 24.85 -11.02 4.99
CA GLU C 95 25.58 -10.00 5.77
C GLU C 95 26.58 -9.28 4.85
N LEU C 96 26.50 -7.97 4.80
CA LEU C 96 27.49 -7.15 4.07
C LEU C 96 28.78 -7.17 4.93
N ALA C 97 29.94 -7.45 4.32
N ALA C 97 29.94 -7.45 4.32
CA ALA C 97 31.18 -7.65 5.08
CA ALA C 97 31.18 -7.65 5.08
C ALA C 97 32.34 -7.06 4.32
C ALA C 97 32.34 -7.06 4.32
N PRO C 98 32.40 -5.71 4.19
CA PRO C 98 33.37 -5.06 3.32
C PRO C 98 34.84 -5.32 3.60
N HIS C 99 35.26 -5.43 4.84
CA HIS C 99 36.73 -5.43 5.13
C HIS C 99 37.34 -6.85 5.12
N GLY D 1 31.04 13.40 15.24
CA GLY D 1 30.55 13.88 16.57
C GLY D 1 29.09 13.53 16.77
N VAL D 2 28.57 13.73 17.98
CA VAL D 2 27.15 13.46 18.35
C VAL D 2 26.43 14.81 18.48
N SER D 3 25.30 14.98 17.81
CA SER D 3 24.51 16.23 17.92
C SER D 3 24.01 16.32 19.38
N LYS D 4 23.89 17.52 19.89
CA LYS D 4 23.39 17.72 21.28
C LYS D 4 21.95 17.18 21.34
N THR D 5 21.15 17.48 20.34
CA THR D 5 19.75 16.97 20.29
C THR D 5 19.74 15.45 20.39
N PHE D 6 20.60 14.76 19.62
CA PHE D 6 20.64 13.26 19.62
C PHE D 6 20.92 12.79 21.05
N LYS D 7 21.96 13.37 21.67
CA LYS D 7 22.34 12.99 23.07
C LYS D 7 21.15 13.24 24.02
N ASP D 8 20.56 14.42 23.95
CA ASP D 8 19.47 14.85 24.87
C ASP D 8 18.25 13.96 24.68
N LYS D 9 17.87 13.67 23.44
CA LYS D 9 16.69 12.80 23.18
C LYS D 9 16.97 11.41 23.75
N CYS D 10 18.18 10.88 23.57
CA CYS D 10 18.50 9.53 24.09
C CYS D 10 18.46 9.53 25.63
N ALA D 11 18.93 10.62 26.27
CA ALA D 11 19.00 10.74 27.75
C ALA D 11 17.58 10.74 28.35
N SER D 12 16.54 11.07 27.57
CA SER D 12 15.14 11.11 28.05
C SER D 12 14.52 9.72 28.04
N THR D 13 15.28 8.68 27.73
CA THR D 13 14.80 7.26 27.65
C THR D 13 15.70 6.39 28.52
N THR D 14 15.37 5.11 28.62
CA THR D 14 16.15 4.06 29.34
C THR D 14 17.33 3.58 28.49
N ALA D 15 17.47 4.03 27.24
CA ALA D 15 18.52 3.57 26.32
C ALA D 15 19.81 4.34 26.60
N LYS D 16 20.95 3.75 26.21
CA LYS D 16 22.33 4.26 26.41
C LYS D 16 22.82 4.86 25.09
N LEU D 17 23.55 5.96 25.17
CA LEU D 17 24.23 6.57 24.03
C LEU D 17 25.49 5.74 23.75
N VAL D 18 25.69 5.30 22.53
CA VAL D 18 26.96 4.71 22.06
C VAL D 18 27.52 5.60 20.98
N GLN D 19 28.69 6.17 21.21
CA GLN D 19 29.23 7.28 20.40
C GLN D 19 30.30 6.76 19.45
N SER D 20 30.32 7.27 18.20
CA SER D 20 31.39 7.04 17.21
C SER D 20 31.66 5.55 17.08
N VAL D 21 30.64 4.76 16.80
CA VAL D 21 30.76 3.31 16.52
C VAL D 21 31.12 3.15 15.05
N GLN D 22 32.06 2.26 14.73
CA GLN D 22 32.33 1.89 13.31
C GLN D 22 31.62 0.57 13.08
N LEU D 23 30.55 0.59 12.29
CA LEU D 23 29.85 -0.64 11.90
C LEU D 23 30.63 -1.26 10.76
N VAL D 24 30.84 -2.58 10.82
CA VAL D 24 31.58 -3.33 9.77
C VAL D 24 30.71 -4.40 9.16
N ASN D 25 29.53 -4.66 9.71
CA ASN D 25 28.59 -5.62 9.11
C ASN D 25 27.15 -5.09 9.28
N ILE D 26 26.31 -5.39 8.30
CA ILE D 26 24.83 -5.28 8.43
C ILE D 26 24.28 -6.53 7.76
N SER D 27 23.26 -7.11 8.36
CA SER D 27 22.67 -8.35 7.82
C SER D 27 21.17 -8.25 7.87
N SER D 28 20.54 -8.96 6.97
CA SER D 28 19.09 -9.18 6.98
C SER D 28 18.90 -10.70 7.00
N ASP D 29 17.95 -11.13 7.82
CA ASP D 29 17.75 -12.56 8.17
C ASP D 29 16.23 -12.78 8.10
N VAL D 30 15.78 -13.71 7.26
CA VAL D 30 14.34 -14.11 7.22
C VAL D 30 14.11 -15.49 7.89
N ASN D 31 15.08 -16.00 8.65
CA ASN D 31 14.88 -17.29 9.40
C ASN D 31 13.83 -17.13 10.50
N LYS D 32 12.96 -18.13 10.67
CA LYS D 32 11.76 -18.13 11.56
C LYS D 32 12.15 -17.56 12.93
N ASP D 33 13.23 -18.01 13.53
CA ASP D 33 13.52 -17.69 14.94
C ASP D 33 14.45 -16.45 15.07
N SER D 34 14.98 -15.91 13.99
CA SER D 34 16.02 -14.84 14.09
C SER D 34 15.73 -13.68 13.11
N LYS D 35 14.54 -13.61 12.53
CA LYS D 35 14.06 -12.58 11.57
C LYS D 35 14.53 -11.18 12.05
N GLY D 36 15.21 -10.41 11.20
CA GLY D 36 15.48 -9.01 11.54
C GLY D 36 16.75 -8.47 10.89
N ILE D 37 17.06 -7.23 11.22
CA ILE D 37 18.26 -6.51 10.74
C ILE D 37 19.22 -6.43 11.92
N TYR D 38 20.45 -6.84 11.68
CA TYR D 38 21.51 -6.75 12.69
C TYR D 38 22.64 -5.94 12.12
N ILE D 39 23.31 -5.21 12.99
CA ILE D 39 24.54 -4.45 12.66
C ILE D 39 25.61 -4.83 13.67
N SER D 40 26.87 -4.84 13.24
CA SER D 40 27.99 -5.24 14.13
C SER D 40 29.12 -4.23 14.00
N SER D 41 29.75 -3.91 15.12
CA SER D 41 30.90 -2.98 15.24
C SER D 41 32.22 -3.72 14.96
N SER D 42 33.27 -2.97 14.70
CA SER D 42 34.63 -3.52 14.51
C SER D 42 35.06 -4.29 15.78
N ALA D 43 34.61 -3.88 16.97
CA ALA D 43 34.92 -4.58 18.23
C ALA D 43 34.14 -5.90 18.33
N GLY D 44 33.14 -6.15 17.50
CA GLY D 44 32.39 -7.42 17.51
C GLY D 44 31.03 -7.33 18.19
N LYS D 45 30.63 -6.20 18.77
CA LYS D 45 29.29 -6.02 19.37
C LYS D 45 28.19 -5.99 18.27
N THR D 46 27.05 -6.61 18.52
CA THR D 46 25.93 -6.66 17.58
C THR D 46 24.70 -5.97 18.17
N TRP D 47 23.98 -5.20 17.33
CA TRP D 47 22.67 -4.63 17.72
C TRP D 47 21.62 -5.11 16.74
N PHE D 48 20.39 -5.02 17.16
CA PHE D 48 19.19 -5.33 16.38
C PHE D 48 18.46 -4.01 16.10
N ILE D 49 18.05 -3.84 14.84
CA ILE D 49 17.25 -2.66 14.43
C ILE D 49 15.83 -3.13 14.25
N PRO D 50 14.91 -2.77 15.15
CA PRO D 50 13.52 -3.19 15.01
C PRO D 50 12.89 -2.65 13.72
N GLY D 51 11.92 -3.40 13.23
CA GLY D 51 11.10 -3.02 12.08
C GLY D 51 9.91 -2.18 12.54
N GLY D 52 9.19 -1.60 11.59
CA GLY D 52 7.90 -0.95 11.87
C GLY D 52 6.92 -1.32 10.80
N GLN D 53 5.74 -1.82 11.13
CA GLN D 53 4.74 -2.21 10.13
C GLN D 53 3.90 -0.97 9.77
N TYR D 54 3.68 -0.01 10.65
CA TYR D 54 2.72 1.11 10.43
C TYR D 54 3.43 2.46 10.54
N TYR D 55 2.79 3.50 10.01
CA TYR D 55 3.24 4.89 10.10
C TYR D 55 3.28 5.26 11.57
N PRO D 56 4.32 5.96 12.08
CA PRO D 56 5.49 6.41 11.30
C PRO D 56 6.69 5.46 11.39
N ASP D 57 6.59 4.41 12.20
CA ASP D 57 7.74 3.49 12.44
C ASP D 57 8.19 2.82 11.13
N ASN D 58 7.29 2.60 10.18
CA ASN D 58 7.64 2.00 8.89
C ASN D 58 8.75 2.88 8.21
N TYR D 59 8.52 4.17 8.00
CA TYR D 59 9.50 4.99 7.26
C TYR D 59 10.67 5.26 8.19
N LEU D 60 10.49 5.41 9.48
CA LEU D 60 11.58 5.75 10.39
C LEU D 60 12.55 4.56 10.46
N SER D 61 12.01 3.36 10.56
CA SER D 61 12.86 2.14 10.64
C SER D 61 13.62 2.01 9.31
N ASN D 62 13.00 2.31 8.20
CA ASN D 62 13.62 2.28 6.87
C ASN D 62 14.80 3.25 6.87
N GLU D 63 14.64 4.48 7.41
CA GLU D 63 15.75 5.46 7.45
C GLU D 63 16.86 4.96 8.39
N MET D 64 16.53 4.29 9.47
CA MET D 64 17.56 3.74 10.37
C MET D 64 18.38 2.70 9.59
N ARG D 65 17.72 1.87 8.80
CA ARG D 65 18.39 0.88 7.93
C ARG D 65 19.30 1.56 6.90
N LYS D 66 18.83 2.60 6.24
CA LYS D 66 19.62 3.30 5.23
C LYS D 66 20.85 3.90 5.89
N ILE D 67 20.70 4.45 7.08
CA ILE D 67 21.86 5.04 7.80
C ILE D 67 22.87 3.94 8.11
N ALA D 68 22.40 2.82 8.66
CA ALA D 68 23.32 1.71 9.02
C ALA D 68 24.01 1.15 7.77
N MET D 69 23.25 1.01 6.69
CA MET D 69 23.79 0.44 5.44
C MET D 69 24.92 1.33 4.89
N ALA D 70 24.65 2.64 4.84
CA ALA D 70 25.64 3.64 4.39
C ALA D 70 26.87 3.63 5.31
N ALA D 71 26.67 3.54 6.60
CA ALA D 71 27.77 3.47 7.58
C ALA D 71 28.69 2.27 7.27
N VAL D 72 28.13 1.12 6.98
CA VAL D 72 28.90 -0.10 6.68
C VAL D 72 29.57 0.05 5.34
N LEU D 73 28.81 0.43 4.31
CA LEU D 73 29.30 0.38 2.93
C LEU D 73 30.35 1.50 2.79
N SER D 74 30.15 2.67 3.39
CA SER D 74 31.09 3.81 3.18
C SER D 74 32.14 3.88 4.30
N ASN D 75 32.06 3.01 5.29
CA ASN D 75 32.98 2.95 6.47
C ASN D 75 32.97 4.32 7.17
N VAL D 76 31.79 4.80 7.57
N VAL D 76 31.80 4.78 7.58
CA VAL D 76 31.66 6.08 8.31
CA VAL D 76 31.59 6.08 8.27
C VAL D 76 30.96 5.77 9.63
C VAL D 76 30.96 5.76 9.63
N ARG D 77 31.25 6.58 10.65
CA ARG D 77 30.85 6.33 12.04
C ARG D 77 29.35 6.67 12.20
N VAL D 78 28.75 6.09 13.21
CA VAL D 78 27.39 6.47 13.70
C VAL D 78 27.43 6.66 15.21
N ASN D 79 26.39 7.30 15.72
CA ASN D 79 26.01 7.30 17.14
C ASN D 79 24.75 6.47 17.27
N LEU D 80 24.66 5.64 18.31
CA LEU D 80 23.47 4.81 18.57
C LEU D 80 22.81 5.25 19.86
N CYS D 81 21.50 5.15 19.91
CA CYS D 81 20.71 5.18 21.17
C CYS D 81 20.15 3.77 21.32
N ALA D 82 20.71 2.97 22.22
CA ALA D 82 20.48 1.51 22.24
C ALA D 82 19.95 1.07 23.62
N SER D 83 18.91 0.26 23.66
CA SER D 83 18.36 -0.35 24.90
C SER D 83 19.12 -1.64 25.23
N GLU D 84 19.63 -1.74 26.44
CA GLU D 84 20.31 -2.95 26.94
C GLU D 84 19.31 -3.96 27.51
N ALA D 85 18.01 -3.67 27.46
CA ALA D 85 16.97 -4.60 27.98
C ALA D 85 16.83 -5.81 27.06
N TYR D 86 17.58 -5.93 25.96
CA TYR D 86 17.45 -7.05 25.01
C TYR D 86 18.84 -7.49 24.61
N THR D 87 18.91 -8.70 24.07
CA THR D 87 20.16 -9.31 23.56
C THR D 87 19.83 -9.92 22.20
N PRO D 88 20.41 -9.41 21.09
CA PRO D 88 21.25 -8.20 21.11
C PRO D 88 20.47 -6.93 21.52
N ASN D 89 21.20 -5.90 21.89
CA ASN D 89 20.59 -4.61 22.30
C ASN D 89 19.80 -4.03 21.09
N HIS D 90 18.72 -3.33 21.36
CA HIS D 90 17.84 -2.75 20.29
C HIS D 90 18.25 -1.31 20.03
N VAL D 91 18.38 -0.96 18.78
CA VAL D 91 18.63 0.45 18.37
C VAL D 91 17.29 1.17 18.36
N TRP D 92 17.20 2.27 19.11
CA TRP D 92 15.99 3.12 19.15
C TRP D 92 16.25 4.42 18.42
N ALA D 93 17.50 4.76 18.14
CA ALA D 93 17.80 5.91 17.29
C ALA D 93 19.24 5.74 16.79
N ILE D 94 19.50 6.25 15.60
CA ILE D 94 20.87 6.15 15.01
C ILE D 94 21.13 7.45 14.29
N GLU D 95 22.36 7.91 14.39
CA GLU D 95 22.81 9.17 13.79
C GLU D 95 24.05 8.88 12.92
N LEU D 96 23.96 9.24 11.66
CA LEU D 96 25.12 9.17 10.75
C LEU D 96 26.10 10.29 11.19
N ALA D 97 27.38 10.00 11.38
CA ALA D 97 28.31 10.99 11.94
C ALA D 97 29.66 10.86 11.21
N PRO D 98 29.71 11.25 9.93
CA PRO D 98 30.88 11.03 9.10
C PRO D 98 32.21 11.65 9.57
N HIS D 99 32.19 12.83 10.16
CA HIS D 99 33.48 13.56 10.36
C HIS D 99 33.98 13.29 11.79
N GLY E 1 24.60 27.19 -4.73
CA GLY E 1 23.73 28.39 -4.73
C GLY E 1 22.28 28.00 -4.45
N VAL E 2 21.42 29.02 -4.29
CA VAL E 2 19.97 28.85 -4.03
C VAL E 2 19.22 29.20 -5.31
N SER E 3 18.32 28.34 -5.75
CA SER E 3 17.50 28.62 -6.97
C SER E 3 16.57 29.80 -6.59
N LYS E 4 16.28 30.65 -7.55
CA LYS E 4 15.33 31.78 -7.36
C LYS E 4 13.98 31.19 -6.96
N THR E 5 13.54 30.14 -7.63
CA THR E 5 12.24 29.49 -7.30
C THR E 5 12.23 29.09 -5.81
N PHE E 6 13.31 28.43 -5.34
CA PHE E 6 13.38 27.98 -3.93
C PHE E 6 13.20 29.19 -2.99
N LYS E 7 13.95 30.24 -3.25
CA LYS E 7 13.89 31.48 -2.41
C LYS E 7 12.44 32.05 -2.44
N ASP E 8 11.88 32.19 -3.62
CA ASP E 8 10.55 32.84 -3.81
C ASP E 8 9.48 31.97 -3.14
N LYS E 9 9.52 30.65 -3.31
CA LYS E 9 8.53 29.76 -2.66
C LYS E 9 8.65 29.87 -1.15
N CYS E 10 9.87 29.93 -0.61
CA CYS E 10 10.04 30.03 0.87
C CYS E 10 9.48 31.39 1.36
N ALA E 11 9.68 32.46 0.60
CA ALA E 11 9.24 33.83 0.97
C ALA E 11 7.70 33.89 1.05
N SER E 12 6.97 32.97 0.41
CA SER E 12 5.48 32.95 0.41
C SER E 12 4.96 32.27 1.66
N THR E 13 5.82 31.88 2.60
CA THR E 13 5.45 31.16 3.84
C THR E 13 6.03 31.93 5.03
N THR E 14 5.74 31.49 6.25
CA THR E 14 6.29 32.05 7.51
C THR E 14 7.68 31.50 7.82
N ALA E 15 8.18 30.58 7.00
CA ALA E 15 9.49 29.95 7.22
C ALA E 15 10.59 30.84 6.66
N LYS E 16 11.80 30.65 7.17
CA LYS E 16 13.04 31.45 6.86
C LYS E 16 13.91 30.61 5.92
N LEU E 17 14.57 31.27 4.98
CA LEU E 17 15.55 30.64 4.11
C LEU E 17 16.85 30.48 4.92
N VAL E 18 17.42 29.30 4.95
CA VAL E 18 18.80 29.09 5.46
C VAL E 18 19.64 28.59 4.28
N GLN E 19 20.65 29.35 3.92
CA GLN E 19 21.39 29.16 2.64
C GLN E 19 22.71 28.47 2.90
N SER E 20 23.11 27.54 2.03
CA SER E 20 24.43 26.88 2.00
C SER E 20 24.77 26.36 3.38
N VAL E 21 23.91 25.53 3.94
CA VAL E 21 24.17 24.83 5.23
C VAL E 21 25.01 23.58 4.91
N GLN E 22 26.01 23.28 5.72
CA GLN E 22 26.68 21.95 5.63
C GLN E 22 26.13 21.09 6.73
N LEU E 23 25.38 20.08 6.35
CA LEU E 23 24.86 19.09 7.32
C LEU E 23 25.96 18.08 7.60
N VAL E 24 26.14 17.74 8.87
CA VAL E 24 27.18 16.75 9.30
C VAL E 24 26.53 15.60 10.04
N ASN E 25 25.24 15.69 10.38
CA ASN E 25 24.55 14.53 10.99
C ASN E 25 23.11 14.44 10.43
N ILE E 26 22.64 13.23 10.30
CA ILE E 26 21.21 12.92 10.09
C ILE E 26 20.91 11.73 10.98
N SER E 27 19.78 11.78 11.66
CA SER E 27 19.39 10.69 12.57
C SER E 27 17.93 10.31 12.29
N SER E 28 17.61 9.08 12.59
CA SER E 28 16.21 8.61 12.64
C SER E 28 16.01 8.03 14.03
N ASP E 29 14.87 8.35 14.62
CA ASP E 29 14.55 8.12 16.04
C ASP E 29 13.14 7.55 16.10
N VAL E 30 12.94 6.37 16.65
CA VAL E 30 11.62 5.75 16.87
C VAL E 30 11.23 5.82 18.36
N ASN E 31 11.93 6.60 19.20
CA ASN E 31 11.51 6.78 20.63
C ASN E 31 10.16 7.49 20.72
N LYS E 32 9.32 7.06 21.66
CA LYS E 32 7.89 7.49 21.81
C LYS E 32 7.79 9.00 21.73
N ASP E 33 8.63 9.72 22.44
CA ASP E 33 8.45 11.20 22.58
C ASP E 33 9.25 11.99 21.55
N SER E 34 10.12 11.36 20.77
CA SER E 34 11.08 12.10 19.92
C SER E 34 11.12 11.52 18.48
N LYS E 35 10.13 10.70 18.11
CA LYS E 35 10.00 10.06 16.77
C LYS E 35 10.28 11.10 15.67
N GLY E 36 11.17 10.79 14.73
CA GLY E 36 11.32 11.62 13.53
C GLY E 36 12.75 11.65 13.02
N ILE E 37 12.95 12.49 12.01
CA ILE E 37 14.27 12.66 11.32
C ILE E 37 14.83 13.99 11.75
N TYR E 38 16.06 14.01 12.18
CA TYR E 38 16.75 15.25 12.57
C TYR E 38 18.00 15.36 11.74
N ILE E 39 18.34 16.59 11.42
CA ILE E 39 19.58 16.92 10.66
C ILE E 39 20.30 18.02 11.41
N SER E 40 21.62 17.98 11.38
CA SER E 40 22.44 18.93 12.17
C SER E 40 23.55 19.49 11.32
N SER E 41 23.81 20.79 11.46
CA SER E 41 24.87 21.54 10.74
C SER E 41 26.22 21.38 11.45
N SER E 42 27.29 21.75 10.77
CA SER E 42 28.64 21.76 11.38
C SER E 42 28.67 22.71 12.59
N ALA E 43 27.89 23.78 12.60
CA ALA E 43 27.79 24.72 13.74
C ALA E 43 27.04 24.07 14.91
N GLY E 44 26.35 22.95 14.74
CA GLY E 44 25.63 22.27 15.83
C GLY E 44 24.14 22.59 15.86
N LYS E 45 23.58 23.39 14.95
CA LYS E 45 22.13 23.63 14.86
C LYS E 45 21.42 22.35 14.37
N THR E 46 20.25 22.03 14.92
CA THR E 46 19.46 20.87 14.53
C THR E 46 18.11 21.30 13.97
N TRP E 47 17.63 20.64 12.92
CA TRP E 47 16.27 20.80 12.37
C TRP E 47 15.59 19.45 12.39
N PHE E 48 14.27 19.49 12.32
CA PHE E 48 13.39 18.34 12.25
C PHE E 48 12.76 18.31 10.86
N ILE E 49 12.75 17.14 10.24
CA ILE E 49 12.08 16.95 8.92
C ILE E 49 10.80 16.17 9.20
N PRO E 50 9.63 16.81 9.10
CA PRO E 50 8.36 16.10 9.30
C PRO E 50 8.15 15.00 8.28
N GLY E 51 7.45 13.96 8.70
CA GLY E 51 6.99 12.87 7.85
C GLY E 51 5.69 13.20 7.14
N GLY E 52 5.25 12.34 6.25
CA GLY E 52 3.94 12.42 5.59
C GLY E 52 3.33 11.08 5.47
N GLN E 53 2.11 10.83 6.00
CA GLN E 53 1.47 9.49 5.89
C GLN E 53 0.77 9.40 4.53
N TYR E 54 0.25 10.47 3.95
CA TYR E 54 -0.58 10.43 2.73
C TYR E 54 0.05 11.13 1.55
N TYR E 55 -0.42 10.81 0.36
CA TYR E 55 -0.05 11.50 -0.89
C TYR E 55 -0.48 12.96 -0.75
N PRO E 56 0.33 13.96 -1.15
CA PRO E 56 1.69 13.75 -1.72
C PRO E 56 2.82 13.87 -0.70
N ASP E 57 2.51 14.21 0.54
CA ASP E 57 3.54 14.42 1.59
C ASP E 57 4.39 13.16 1.83
N ASN E 58 3.83 11.98 1.63
CA ASN E 58 4.57 10.71 1.77
C ASN E 58 5.80 10.74 0.82
N TYR E 59 5.61 10.93 -0.49
CA TYR E 59 6.77 10.83 -1.41
C TYR E 59 7.60 12.11 -1.27
N LEU E 60 7.00 13.25 -0.96
CA LEU E 60 7.79 14.50 -0.87
C LEU E 60 8.69 14.44 0.35
N SER E 61 8.16 13.97 1.46
CA SER E 61 8.97 13.86 2.71
C SER E 61 10.10 12.84 2.45
N ASN E 62 9.82 11.77 1.73
CA ASN E 62 10.84 10.78 1.39
C ASN E 62 11.97 11.46 0.58
N GLU E 63 11.65 12.30 -0.39
CA GLU E 63 12.67 13.02 -1.17
C GLU E 63 13.44 14.01 -0.30
N MET E 64 12.79 14.64 0.67
CA MET E 64 13.51 15.55 1.59
C MET E 64 14.55 14.77 2.37
N ARG E 65 14.18 13.57 2.80
CA ARG E 65 15.13 12.68 3.52
C ARG E 65 16.28 12.22 2.60
N LYS E 66 16.01 11.90 1.36
CA LYS E 66 17.07 11.45 0.44
C LYS E 66 18.04 12.62 0.20
N ILE E 67 17.51 13.83 0.07
CA ILE E 67 18.39 15.01 -0.14
C ILE E 67 19.27 15.18 1.11
N ALA E 68 18.67 15.17 2.30
CA ALA E 68 19.42 15.37 3.54
C ALA E 68 20.47 14.26 3.73
N MET E 69 20.11 13.02 3.42
CA MET E 69 21.03 11.89 3.60
C MET E 69 22.25 12.04 2.68
N ALA E 70 22.02 12.36 1.43
CA ALA E 70 23.07 12.63 0.42
C ALA E 70 23.94 13.80 0.85
N ALA E 71 23.33 14.86 1.37
CA ALA E 71 24.09 16.03 1.84
C ALA E 71 25.07 15.62 2.94
N VAL E 72 24.63 14.79 3.88
CA VAL E 72 25.50 14.35 5.00
C VAL E 72 26.54 13.40 4.47
N LEU E 73 26.14 12.39 3.73
CA LEU E 73 27.06 11.32 3.34
C LEU E 73 28.07 11.86 2.33
N SER E 74 27.67 12.73 1.38
CA SER E 74 28.60 13.22 0.34
C SER E 74 29.26 14.56 0.75
N ASN E 75 28.89 15.13 1.89
CA ASN E 75 29.39 16.42 2.39
C ASN E 75 29.13 17.50 1.34
N VAL E 76 27.88 17.67 0.93
CA VAL E 76 27.48 18.72 -0.04
C VAL E 76 26.42 19.59 0.65
N ARG E 77 26.37 20.86 0.25
CA ARG E 77 25.54 21.90 0.91
C ARG E 77 24.08 21.71 0.49
N VAL E 78 23.19 22.22 1.32
CA VAL E 78 21.74 22.38 1.04
C VAL E 78 21.31 23.80 1.37
N ASN E 79 20.15 24.16 0.82
CA ASN E 79 19.36 25.32 1.30
C ASN E 79 18.13 24.76 2.01
N LEU E 80 17.76 25.36 3.12
CA LEU E 80 16.54 24.96 3.90
C LEU E 80 15.53 26.07 3.86
N CYS E 81 14.26 25.70 3.86
CA CYS E 81 13.14 26.59 4.18
C CYS E 81 12.60 26.08 5.53
N ALA E 82 12.88 26.79 6.63
CA ALA E 82 12.68 26.25 7.98
C ALA E 82 11.77 27.17 8.81
N SER E 83 10.77 26.63 9.48
CA SER E 83 9.89 27.35 10.43
C SER E 83 10.54 27.46 11.80
N GLU E 84 10.67 28.67 12.31
CA GLU E 84 11.23 28.91 13.68
C GLU E 84 10.13 28.77 14.74
N ALA E 85 8.91 28.45 14.38
CA ALA E 85 7.80 28.25 15.34
C ALA E 85 7.98 26.98 16.16
N TYR E 86 9.03 26.17 15.94
CA TYR E 86 9.21 24.89 16.67
C TYR E 86 10.66 24.77 17.08
N THR E 87 10.92 23.88 18.02
CA THR E 87 12.27 23.59 18.53
C THR E 87 12.39 22.07 18.60
N PRO E 88 13.28 21.43 17.80
CA PRO E 88 14.02 22.12 16.73
C PRO E 88 13.12 22.68 15.62
N ASN E 89 13.66 23.61 14.84
CA ASN E 89 12.91 24.23 13.72
C ASN E 89 12.51 23.15 12.71
N HIS E 90 11.38 23.30 12.04
CA HIS E 90 10.84 22.31 11.07
C HIS E 90 11.27 22.67 9.66
N VAL E 91 11.79 21.70 8.92
CA VAL E 91 12.13 21.89 7.49
C VAL E 91 10.83 21.73 6.70
N TRP E 92 10.48 22.74 5.91
CA TRP E 92 9.31 22.68 5.03
C TRP E 92 9.77 22.59 3.58
N ALA E 93 11.03 22.86 3.28
CA ALA E 93 11.57 22.58 1.95
C ALA E 93 13.08 22.47 2.05
N ILE E 94 13.67 21.67 1.19
CA ILE E 94 15.13 21.50 1.19
C ILE E 94 15.58 21.40 -0.25
N GLU E 95 16.72 22.00 -0.55
CA GLU E 95 17.30 22.02 -1.88
C GLU E 95 18.76 21.54 -1.81
N LEU E 96 19.06 20.48 -2.57
CA LEU E 96 20.46 20.01 -2.69
C LEU E 96 21.22 21.06 -3.53
N ALA E 97 22.40 21.51 -3.07
CA ALA E 97 23.10 22.64 -3.70
C ALA E 97 24.60 22.35 -3.72
N PRO E 98 25.03 21.39 -4.52
CA PRO E 98 26.40 20.94 -4.53
C PRO E 98 27.48 21.97 -4.85
N HIS E 99 27.25 22.90 -5.76
CA HIS E 99 28.41 23.71 -6.26
C HIS E 99 28.54 25.03 -5.48
N GLY F 1 -7.52 -9.94 -18.67
CA GLY F 1 -8.30 -10.22 -19.90
C GLY F 1 -9.77 -10.51 -19.58
N VAL F 2 -10.51 -11.03 -20.55
CA VAL F 2 -11.94 -11.40 -20.42
C VAL F 2 -12.05 -12.92 -20.32
N SER F 3 -12.80 -13.41 -19.36
CA SER F 3 -13.03 -14.86 -19.23
C SER F 3 -13.85 -15.30 -20.47
N LYS F 4 -13.60 -16.51 -20.95
CA LYS F 4 -14.38 -17.06 -22.08
C LYS F 4 -15.86 -17.10 -21.68
N THR F 5 -16.16 -17.55 -20.47
CA THR F 5 -17.57 -17.61 -19.97
C THR F 5 -18.20 -16.21 -20.08
N PHE F 6 -17.51 -15.16 -19.62
CA PHE F 6 -18.07 -13.78 -19.62
C PHE F 6 -18.40 -13.39 -21.07
N LYS F 7 -17.44 -13.61 -21.96
CA LYS F 7 -17.66 -13.28 -23.41
C LYS F 7 -18.85 -14.06 -23.97
N ASP F 8 -18.89 -15.36 -23.72
CA ASP F 8 -19.95 -16.24 -24.29
C ASP F 8 -21.31 -15.86 -23.72
N LYS F 9 -21.41 -15.62 -22.40
CA LYS F 9 -22.70 -15.22 -21.80
C LYS F 9 -23.16 -13.90 -22.41
N CYS F 10 -22.25 -12.93 -22.62
CA CYS F 10 -22.65 -11.62 -23.19
C CYS F 10 -23.14 -11.82 -24.64
N ALA F 11 -22.47 -12.70 -25.40
CA ALA F 11 -22.79 -12.94 -26.84
C ALA F 11 -24.19 -13.56 -26.97
N SER F 12 -24.73 -14.18 -25.93
CA SER F 12 -26.07 -14.83 -25.96
C SER F 12 -27.17 -13.79 -25.76
N THR F 13 -26.84 -12.50 -25.64
CA THR F 13 -27.82 -11.40 -25.38
C THR F 13 -27.68 -10.34 -26.44
N THR F 14 -28.50 -9.30 -26.38
CA THR F 14 -28.48 -8.11 -27.26
C THR F 14 -27.42 -7.11 -26.80
N ALA F 15 -26.74 -7.36 -25.67
CA ALA F 15 -25.74 -6.44 -25.10
C ALA F 15 -24.39 -6.67 -25.80
N LYS F 16 -23.53 -5.66 -25.75
CA LYS F 16 -22.18 -5.60 -26.40
C LYS F 16 -21.12 -5.82 -25.32
N LEU F 17 -20.05 -6.56 -25.68
CA LEU F 17 -18.88 -6.72 -24.83
C LEU F 17 -18.06 -5.45 -24.92
N VAL F 18 -17.70 -4.84 -23.80
CA VAL F 18 -16.67 -3.76 -23.76
C VAL F 18 -15.50 -4.27 -22.95
N GLN F 19 -14.34 -4.36 -23.57
CA GLN F 19 -13.19 -5.14 -23.00
C GLN F 19 -12.18 -4.18 -22.41
N SER F 20 -11.58 -4.53 -21.27
CA SER F 20 -10.39 -3.87 -20.67
C SER F 20 -10.66 -2.37 -20.54
N VAL F 21 -11.76 -1.99 -19.93
CA VAL F 21 -12.12 -0.57 -19.67
C VAL F 21 -11.45 -0.13 -18.39
N GLN F 22 -10.88 1.07 -18.33
CA GLN F 22 -10.40 1.65 -17.04
C GLN F 22 -11.47 2.63 -16.57
N LEU F 23 -12.15 2.31 -15.48
CA LEU F 23 -13.15 3.22 -14.89
C LEU F 23 -12.44 4.27 -14.06
N VAL F 24 -12.86 5.52 -14.22
CA VAL F 24 -12.22 6.65 -13.47
C VAL F 24 -13.25 7.39 -12.64
N ASN F 25 -14.52 7.10 -12.79
CA ASN F 25 -15.57 7.70 -11.94
C ASN F 25 -16.63 6.64 -11.60
N ILE F 26 -17.15 6.73 -10.39
CA ILE F 26 -18.43 6.06 -10.01
C ILE F 26 -19.19 7.07 -9.19
N SER F 27 -20.49 7.16 -9.39
CA SER F 27 -21.31 8.15 -8.66
C SER F 27 -22.59 7.47 -8.16
N SER F 28 -23.13 8.00 -7.09
CA SER F 28 -24.46 7.65 -6.62
C SER F 28 -25.25 8.94 -6.51
N ASP F 29 -26.52 8.89 -6.89
CA ASP F 29 -27.39 10.08 -7.07
C ASP F 29 -28.75 9.69 -6.46
N VAL F 30 -29.26 10.44 -5.49
CA VAL F 30 -30.65 10.22 -4.98
C VAL F 30 -31.60 11.32 -5.49
N ASN F 31 -31.22 12.13 -6.46
CA ASN F 31 -32.15 13.16 -7.04
C ASN F 31 -33.34 12.49 -7.74
N LYS F 32 -34.55 13.03 -7.56
CA LYS F 32 -35.83 12.42 -7.99
C LYS F 32 -35.71 11.99 -9.46
N ASP F 33 -35.18 12.84 -10.32
CA ASP F 33 -35.20 12.60 -11.78
C ASP F 33 -33.97 11.79 -12.29
N SER F 34 -32.94 11.56 -11.48
CA SER F 34 -31.67 10.99 -12.00
C SER F 34 -31.12 9.89 -11.10
N LYS F 35 -31.92 9.39 -10.14
CA LYS F 35 -31.57 8.36 -9.14
C LYS F 35 -30.75 7.25 -9.80
N GLY F 36 -29.58 6.89 -9.25
CA GLY F 36 -28.91 5.68 -9.78
C GLY F 36 -27.40 5.74 -9.64
N ILE F 37 -26.78 4.65 -10.07
CA ILE F 37 -25.29 4.48 -10.04
C ILE F 37 -24.78 4.66 -11.46
N TYR F 38 -23.81 5.51 -11.65
CA TYR F 38 -23.19 5.72 -12.99
C TYR F 38 -21.68 5.51 -12.84
N ILE F 39 -21.10 4.95 -13.88
CA ILE F 39 -19.64 4.76 -13.99
C ILE F 39 -19.15 5.40 -15.29
N SER F 40 -17.96 5.94 -15.30
CA SER F 40 -17.32 6.48 -16.52
C SER F 40 -15.90 5.96 -16.72
N SER F 41 -15.50 5.76 -17.98
CA SER F 41 -14.17 5.27 -18.38
C SER F 41 -13.22 6.45 -18.62
N SER F 42 -11.93 6.18 -18.66
CA SER F 42 -10.90 7.21 -18.97
C SER F 42 -11.14 7.77 -20.38
N ALA F 43 -11.70 6.98 -21.30
CA ALA F 43 -12.04 7.43 -22.66
C ALA F 43 -13.26 8.38 -22.65
N GLY F 44 -14.01 8.47 -21.56
CA GLY F 44 -15.15 9.39 -21.45
C GLY F 44 -16.52 8.71 -21.70
N LYS F 45 -16.59 7.42 -21.92
CA LYS F 45 -17.91 6.70 -21.99
C LYS F 45 -18.55 6.59 -20.59
N THR F 46 -19.85 6.72 -20.49
CA THR F 46 -20.60 6.62 -19.21
C THR F 46 -21.64 5.51 -19.29
N TRP F 47 -21.77 4.70 -18.26
CA TRP F 47 -22.83 3.65 -18.17
C TRP F 47 -23.64 3.85 -16.90
N PHE F 48 -24.80 3.23 -16.86
CA PHE F 48 -25.72 3.16 -15.72
C PHE F 48 -25.73 1.71 -15.24
N ILE F 49 -25.66 1.54 -13.90
CA ILE F 49 -25.77 0.19 -13.29
C ILE F 49 -27.14 0.12 -12.65
N PRO F 50 -28.06 -0.67 -13.22
CA PRO F 50 -29.39 -0.81 -12.63
C PRO F 50 -29.31 -1.42 -11.21
N GLY F 51 -30.26 -1.05 -10.38
CA GLY F 51 -30.51 -1.63 -9.06
C GLY F 51 -31.35 -2.91 -9.16
N GLY F 52 -31.48 -3.61 -8.05
CA GLY F 52 -32.39 -4.76 -7.95
C GLY F 52 -33.09 -4.70 -6.60
N GLN F 53 -34.42 -4.71 -6.56
CA GLN F 53 -35.15 -4.63 -5.28
C GLN F 53 -35.27 -6.03 -4.67
N TYR F 54 -35.34 -7.11 -5.44
CA TYR F 54 -35.64 -8.46 -4.88
C TYR F 54 -34.53 -9.44 -5.20
N TYR F 55 -34.49 -10.55 -4.48
CA TYR F 55 -33.58 -11.69 -4.75
C TYR F 55 -33.85 -12.19 -6.14
N PRO F 56 -32.83 -12.51 -6.97
CA PRO F 56 -31.41 -12.37 -6.65
C PRO F 56 -30.77 -11.08 -7.15
N ASP F 57 -31.53 -10.24 -7.87
CA ASP F 57 -30.99 -8.99 -8.44
C ASP F 57 -30.45 -8.05 -7.34
N ASN F 58 -31.02 -8.07 -6.16
CA ASN F 58 -30.54 -7.24 -5.03
C ASN F 58 -29.05 -7.56 -4.78
N TYR F 59 -28.66 -8.79 -4.50
CA TYR F 59 -27.24 -9.09 -4.16
C TYR F 59 -26.42 -8.99 -5.44
N LEU F 60 -26.93 -9.35 -6.61
CA LEU F 60 -26.13 -9.35 -7.84
C LEU F 60 -25.79 -7.89 -8.19
N SER F 61 -26.77 -7.00 -8.07
CA SER F 61 -26.55 -5.58 -8.40
C SER F 61 -25.55 -5.00 -7.39
N ASN F 62 -25.66 -5.40 -6.13
CA ASN F 62 -24.73 -4.96 -5.07
C ASN F 62 -23.29 -5.39 -5.47
N GLU F 63 -23.11 -6.63 -5.98
CA GLU F 63 -21.77 -7.11 -6.39
C GLU F 63 -21.30 -6.33 -7.61
N MET F 64 -22.16 -5.97 -8.51
CA MET F 64 -21.75 -5.16 -9.68
C MET F 64 -21.23 -3.82 -9.19
N ARG F 65 -21.89 -3.22 -8.21
CA ARG F 65 -21.43 -1.93 -7.62
C ARG F 65 -20.08 -2.12 -6.90
N LYS F 66 -19.88 -3.21 -6.16
CA LYS F 66 -18.63 -3.44 -5.45
C LYS F 66 -17.50 -3.61 -6.49
N ILE F 67 -17.78 -4.28 -7.60
CA ILE F 67 -16.78 -4.49 -8.65
C ILE F 67 -16.40 -3.13 -9.25
N ALA F 68 -17.40 -2.34 -9.60
CA ALA F 68 -17.16 -1.01 -10.19
C ALA F 68 -16.41 -0.12 -9.23
N MET F 69 -16.78 -0.13 -7.96
CA MET F 69 -16.16 0.76 -6.95
C MET F 69 -14.68 0.40 -6.80
N ALA F 70 -14.38 -0.89 -6.69
CA ALA F 70 -13.00 -1.40 -6.58
C ALA F 70 -12.22 -1.03 -7.85
N ALA F 71 -12.81 -1.16 -9.01
CA ALA F 71 -12.14 -0.80 -10.29
C ALA F 71 -11.71 0.68 -10.26
N VAL F 72 -12.57 1.56 -9.80
CA VAL F 72 -12.27 3.01 -9.72
C VAL F 72 -11.21 3.26 -8.67
N LEU F 73 -11.44 2.76 -7.46
CA LEU F 73 -10.63 3.11 -6.31
C LEU F 73 -9.24 2.48 -6.48
N SER F 74 -9.13 1.25 -6.98
CA SER F 74 -7.83 0.52 -7.06
C SER F 74 -7.18 0.69 -8.45
N ASN F 75 -7.86 1.37 -9.38
CA ASN F 75 -7.39 1.59 -10.76
C ASN F 75 -7.10 0.24 -11.45
N VAL F 76 -8.10 -0.64 -11.48
N VAL F 76 -8.11 -0.62 -11.48
CA VAL F 76 -7.98 -1.95 -12.18
CA VAL F 76 -8.03 -1.97 -12.11
C VAL F 76 -9.06 -2.01 -13.25
C VAL F 76 -9.06 -2.01 -13.24
N ARG F 77 -8.77 -2.74 -14.31
CA ARG F 77 -9.65 -2.82 -15.49
C ARG F 77 -10.86 -3.70 -15.18
N VAL F 78 -11.91 -3.49 -15.93
CA VAL F 78 -13.12 -4.37 -15.99
C VAL F 78 -13.44 -4.70 -17.46
N ASN F 79 -14.24 -5.75 -17.63
CA ASN F 79 -15.00 -6.01 -18.86
C ASN F 79 -16.46 -5.74 -18.58
N LEU F 80 -17.18 -5.13 -19.52
CA LEU F 80 -18.63 -4.85 -19.34
C LEU F 80 -19.42 -5.63 -20.38
N CYS F 81 -20.63 -6.02 -20.02
CA CYS F 81 -21.68 -6.47 -20.97
C CYS F 81 -22.76 -5.42 -20.90
N ALA F 82 -22.86 -4.55 -21.91
CA ALA F 82 -23.68 -3.32 -21.83
C ALA F 82 -24.73 -3.28 -22.95
N SER F 83 -25.98 -2.95 -22.61
CA SER F 83 -27.07 -2.73 -23.60
C SER F 83 -27.02 -1.30 -24.13
N GLU F 84 -26.99 -1.17 -25.46
CA GLU F 84 -27.02 0.14 -26.13
C GLU F 84 -28.46 0.62 -26.34
N ALA F 85 -29.47 -0.12 -25.86
CA ALA F 85 -30.89 0.27 -26.00
C ALA F 85 -31.22 1.45 -25.10
N TYR F 86 -30.29 1.98 -24.29
CA TYR F 86 -30.55 3.09 -23.34
C TYR F 86 -29.36 4.03 -23.42
N THR F 87 -29.57 5.26 -22.97
CA THR F 87 -28.54 6.32 -22.95
C THR F 87 -28.63 7.00 -21.60
N PRO F 88 -27.61 6.88 -20.70
CA PRO F 88 -26.45 6.03 -20.92
C PRO F 88 -26.79 4.54 -21.02
N ASN F 89 -25.87 3.79 -21.63
CA ASN F 89 -26.01 2.33 -21.81
C ASN F 89 -26.13 1.68 -20.41
N HIS F 90 -26.87 0.58 -20.31
CA HIS F 90 -27.10 -0.16 -19.05
C HIS F 90 -26.09 -1.29 -18.96
N VAL F 91 -25.46 -1.45 -17.80
CA VAL F 91 -24.55 -2.60 -17.55
C VAL F 91 -25.44 -3.79 -17.15
N TRP F 92 -25.30 -4.90 -17.87
CA TRP F 92 -26.01 -6.15 -17.51
C TRP F 92 -25.05 -7.16 -16.90
N ALA F 93 -23.75 -6.97 -17.08
CA ALA F 93 -22.76 -7.79 -16.39
C ALA F 93 -21.44 -7.07 -16.34
N ILE F 94 -20.64 -7.30 -15.31
CA ILE F 94 -19.33 -6.65 -15.19
C ILE F 94 -18.36 -7.67 -14.62
N GLU F 95 -17.14 -7.63 -15.11
CA GLU F 95 -16.07 -8.56 -14.71
C GLU F 95 -14.85 -7.76 -14.24
N LEU F 96 -14.40 -8.01 -13.02
CA LEU F 96 -13.15 -7.42 -12.53
C LEU F 96 -11.99 -8.13 -13.27
N ALA F 97 -11.04 -7.40 -13.82
CA ALA F 97 -10.02 -7.99 -14.72
C ALA F 97 -8.69 -7.32 -14.49
N PRO F 98 -8.07 -7.52 -13.31
CA PRO F 98 -6.85 -6.82 -12.97
C PRO F 98 -5.66 -7.01 -13.91
N HIS F 99 -5.43 -8.23 -14.45
CA HIS F 99 -4.08 -8.45 -15.05
C HIS F 99 -4.21 -8.30 -16.56
N GLY G 1 -1.76 -22.41 2.06
CA GLY G 1 -2.09 -23.89 2.07
C GLY G 1 -3.56 -24.13 2.35
N VAL G 2 -3.96 -25.38 2.47
CA VAL G 2 -5.37 -25.82 2.67
C VAL G 2 -5.50 -26.30 4.11
N SER G 3 -6.48 -25.81 4.84
CA SER G 3 -6.73 -26.27 6.23
C SER G 3 -7.18 -27.75 6.14
N LYS G 4 -6.79 -28.54 7.13
CA LYS G 4 -7.24 -29.95 7.21
C LYS G 4 -8.77 -29.96 7.30
N THR G 5 -9.36 -29.10 8.11
CA THR G 5 -10.85 -29.04 8.22
C THR G 5 -11.47 -28.82 6.83
N PHE G 6 -10.94 -27.86 6.06
CA PHE G 6 -11.49 -27.55 4.70
C PHE G 6 -11.44 -28.82 3.85
N LYS G 7 -10.28 -29.48 3.81
CA LYS G 7 -10.13 -30.72 3.01
C LYS G 7 -11.13 -31.80 3.49
N ASP G 8 -11.21 -32.02 4.80
CA ASP G 8 -12.06 -33.09 5.39
C ASP G 8 -13.53 -32.79 5.12
N LYS G 9 -13.95 -31.53 5.27
CA LYS G 9 -15.38 -31.18 5.03
C LYS G 9 -15.70 -31.42 3.55
N CYS G 10 -14.80 -31.05 2.64
CA CYS G 10 -15.05 -31.24 1.20
C CYS G 10 -15.13 -32.78 0.88
N ALA G 11 -14.29 -33.58 1.53
CA ALA G 11 -14.21 -35.06 1.28
C ALA G 11 -15.53 -35.72 1.72
N SER G 12 -16.34 -35.10 2.59
CA SER G 12 -17.63 -35.67 3.04
C SER G 12 -18.73 -35.45 1.99
N THR G 13 -18.42 -34.86 0.85
CA THR G 13 -19.41 -34.51 -0.22
C THR G 13 -18.94 -35.07 -1.54
N THR G 14 -19.71 -34.89 -2.61
CA THR G 14 -19.41 -35.31 -4.00
C THR G 14 -18.52 -34.28 -4.69
N ALA G 15 -18.20 -33.17 -4.04
CA ALA G 15 -17.43 -32.06 -4.64
C ALA G 15 -15.94 -32.41 -4.52
N LYS G 16 -15.12 -31.79 -5.37
CA LYS G 16 -13.66 -32.00 -5.49
C LYS G 16 -12.96 -30.81 -4.83
N LEU G 17 -11.85 -31.08 -4.15
CA LEU G 17 -10.96 -30.03 -3.63
C LEU G 17 -10.14 -29.48 -4.80
N VAL G 18 -10.12 -28.18 -4.98
CA VAL G 18 -9.18 -27.50 -5.91
C VAL G 18 -8.27 -26.61 -5.07
N GLN G 19 -6.97 -26.90 -5.10
CA GLN G 19 -5.99 -26.32 -4.13
C GLN G 19 -5.22 -25.18 -4.79
N SER G 20 -4.96 -24.08 -4.07
CA SER G 20 -4.08 -22.97 -4.47
C SER G 20 -4.43 -22.50 -5.88
N VAL G 21 -5.67 -22.14 -6.11
CA VAL G 21 -6.13 -21.52 -7.39
C VAL G 21 -5.83 -20.03 -7.33
N GLN G 22 -5.32 -19.44 -8.41
CA GLN G 22 -5.21 -17.95 -8.48
C GLN G 22 -6.36 -17.47 -9.32
N LEU G 23 -7.30 -16.78 -8.69
CA LEU G 23 -8.44 -16.17 -9.42
C LEU G 23 -7.97 -14.86 -10.04
N VAL G 24 -8.32 -14.63 -11.28
CA VAL G 24 -7.96 -13.38 -12.01
C VAL G 24 -9.20 -12.64 -12.48
N ASN G 25 -10.37 -13.23 -12.37
CA ASN G 25 -11.64 -12.54 -12.69
C ASN G 25 -12.74 -12.91 -11.70
N ILE G 26 -13.59 -11.95 -11.41
CA ILE G 26 -14.90 -12.21 -10.74
C ILE G 26 -15.89 -11.32 -11.47
N SER G 27 -17.08 -11.87 -11.74
CA SER G 27 -18.10 -11.12 -12.47
C SER G 27 -19.43 -11.28 -11.76
N SER G 28 -20.29 -10.32 -11.96
CA SER G 28 -21.70 -10.35 -11.56
C SER G 28 -22.51 -10.06 -12.82
N ASP G 29 -23.56 -10.83 -13.03
CA ASP G 29 -24.34 -10.91 -14.28
C ASP G 29 -25.81 -10.87 -13.87
N VAL G 30 -26.59 -9.92 -14.31
CA VAL G 30 -28.07 -9.87 -14.06
C VAL G 30 -28.84 -10.24 -15.35
N ASN G 31 -28.19 -10.78 -16.38
CA ASN G 31 -28.93 -11.23 -17.61
C ASN G 31 -29.84 -12.42 -17.27
N LYS G 32 -31.05 -12.43 -17.86
CA LYS G 32 -32.16 -13.37 -17.51
C LYS G 32 -31.63 -14.79 -17.41
N ASP G 33 -30.85 -15.24 -18.39
CA ASP G 33 -30.54 -16.69 -18.51
C ASP G 33 -29.17 -16.99 -17.90
N SER G 34 -28.39 -16.01 -17.43
CA SER G 34 -27.02 -16.28 -16.95
C SER G 34 -26.76 -15.61 -15.57
N LYS G 35 -27.81 -15.14 -14.90
CA LYS G 35 -27.77 -14.45 -13.57
C LYS G 35 -26.78 -15.17 -12.65
N GLY G 36 -25.81 -14.47 -12.06
CA GLY G 36 -25.00 -15.09 -11.01
C GLY G 36 -23.62 -14.45 -10.88
N ILE G 37 -22.84 -15.01 -9.98
CA ILE G 37 -21.43 -14.66 -9.70
C ILE G 37 -20.56 -15.75 -10.30
N TYR G 38 -19.60 -15.36 -11.10
CA TYR G 38 -18.63 -16.31 -11.69
C TYR G 38 -17.24 -15.82 -11.29
N ILE G 39 -16.34 -16.77 -11.13
CA ILE G 39 -14.91 -16.54 -10.85
C ILE G 39 -14.10 -17.35 -11.86
N SER G 40 -12.95 -16.84 -12.25
CA SER G 40 -12.10 -17.52 -13.25
C SER G 40 -10.66 -17.50 -12.79
N SER G 41 -9.96 -18.61 -13.03
CA SER G 41 -8.54 -18.82 -12.70
C SER G 41 -7.64 -18.27 -13.81
N SER G 42 -6.35 -18.10 -13.51
CA SER G 42 -5.35 -17.68 -14.53
C SER G 42 -5.32 -18.68 -15.68
N ALA G 43 -5.57 -19.97 -15.44
CA ALA G 43 -5.63 -21.01 -16.50
C ALA G 43 -6.89 -20.86 -17.36
N GLY G 44 -7.89 -20.07 -16.95
CA GLY G 44 -9.11 -19.84 -17.75
C GLY G 44 -10.32 -20.68 -17.30
N LYS G 45 -10.20 -21.53 -16.28
CA LYS G 45 -11.35 -22.28 -15.74
C LYS G 45 -12.32 -21.31 -15.00
N THR G 46 -13.64 -21.53 -15.14
CA THR G 46 -14.65 -20.67 -14.50
C THR G 46 -15.48 -21.50 -13.54
N TRP G 47 -15.82 -20.94 -12.38
CA TRP G 47 -16.77 -21.51 -11.43
C TRP G 47 -17.91 -20.54 -11.20
N PHE G 48 -19.04 -21.06 -10.73
CA PHE G 48 -20.24 -20.32 -10.34
C PHE G 48 -20.36 -20.38 -8.83
N ILE G 49 -20.65 -19.25 -8.22
CA ILE G 49 -20.89 -19.17 -6.76
C ILE G 49 -22.41 -18.98 -6.58
N PRO G 50 -23.11 -20.00 -6.10
CA PRO G 50 -24.54 -19.89 -5.86
C PRO G 50 -24.85 -18.81 -4.81
N GLY G 51 -26.00 -18.18 -4.95
CA GLY G 51 -26.55 -17.24 -4.00
C GLY G 51 -27.30 -18.02 -2.88
N GLY G 52 -27.70 -17.33 -1.84
CA GLY G 52 -28.57 -17.86 -0.79
C GLY G 52 -29.61 -16.83 -0.45
N GLN G 53 -30.89 -17.20 -0.52
CA GLN G 53 -31.97 -16.24 -0.28
C GLN G 53 -32.24 -16.17 1.24
N TYR G 54 -32.06 -17.24 2.00
CA TYR G 54 -32.47 -17.29 3.43
C TYR G 54 -31.28 -17.59 4.34
N TYR G 55 -31.42 -17.31 5.64
CA TYR G 55 -30.44 -17.67 6.69
C TYR G 55 -30.30 -19.18 6.68
N PRO G 56 -29.08 -19.75 6.80
CA PRO G 56 -27.81 -19.01 6.88
C PRO G 56 -27.10 -18.83 5.53
N ASP G 57 -27.63 -19.42 4.46
CA ASP G 57 -26.97 -19.37 3.13
C ASP G 57 -26.80 -17.91 2.65
N ASN G 58 -27.70 -17.01 3.02
CA ASN G 58 -27.59 -15.58 2.63
C ASN G 58 -26.21 -15.04 3.12
N TYR G 59 -25.89 -15.11 4.39
CA TYR G 59 -24.62 -14.48 4.88
C TYR G 59 -23.46 -15.39 4.44
N LEU G 60 -23.63 -16.70 4.36
CA LEU G 60 -22.51 -17.59 4.00
C LEU G 60 -22.12 -17.31 2.53
N SER G 61 -23.12 -17.17 1.66
CA SER G 61 -22.85 -16.93 0.23
C SER G 61 -22.18 -15.54 0.10
N ASN G 62 -22.62 -14.57 0.86
CA ASN G 62 -22.04 -13.22 0.86
C ASN G 62 -20.55 -13.33 1.24
N GLU G 63 -20.18 -14.13 2.27
CA GLU G 63 -18.78 -14.30 2.66
C GLU G 63 -18.00 -15.02 1.56
N MET G 64 -18.61 -15.98 0.86
CA MET G 64 -17.92 -16.65 -0.27
C MET G 64 -17.56 -15.63 -1.34
N ARG G 65 -18.47 -14.70 -1.60
CA ARG G 65 -18.25 -13.62 -2.59
C ARG G 65 -17.14 -12.65 -2.10
N LYS G 66 -17.12 -12.29 -0.84
CA LYS G 66 -16.09 -11.41 -0.28
C LYS G 66 -14.73 -12.09 -0.38
N ILE G 67 -14.67 -13.39 -0.14
CA ILE G 67 -13.39 -14.14 -0.23
C ILE G 67 -12.91 -14.11 -1.69
N ALA G 68 -13.79 -14.42 -2.61
CA ALA G 68 -13.46 -14.44 -4.05
C ALA G 68 -13.03 -13.05 -4.51
N MET G 69 -13.73 -12.02 -4.09
CA MET G 69 -13.46 -10.64 -4.52
C MET G 69 -12.07 -10.22 -4.04
N ALA G 70 -11.76 -10.50 -2.78
CA ALA G 70 -10.45 -10.21 -2.17
C ALA G 70 -9.37 -10.99 -2.91
N ALA G 71 -9.60 -12.24 -3.23
CA ALA G 71 -8.62 -13.09 -3.94
C ALA G 71 -8.29 -12.44 -5.30
N VAL G 72 -9.28 -11.94 -6.02
CA VAL G 72 -9.06 -11.32 -7.34
C VAL G 72 -8.35 -10.02 -7.15
N LEU G 73 -8.89 -9.15 -6.29
CA LEU G 73 -8.40 -7.78 -6.19
C LEU G 73 -7.01 -7.80 -5.58
N SER G 74 -6.73 -8.64 -4.59
CA SER G 74 -5.43 -8.62 -3.86
C SER G 74 -4.44 -9.65 -4.46
N ASN G 75 -4.87 -10.42 -5.46
CA ASN G 75 -4.06 -11.49 -6.12
C ASN G 75 -3.55 -12.48 -5.05
N VAL G 76 -4.46 -13.09 -4.30
CA VAL G 76 -4.18 -14.09 -3.23
C VAL G 76 -4.86 -15.39 -3.63
N ARG G 77 -4.26 -16.52 -3.28
CA ARG G 77 -4.76 -17.85 -3.66
C ARG G 77 -5.99 -18.21 -2.81
N VAL G 78 -6.80 -19.11 -3.33
CA VAL G 78 -7.91 -19.76 -2.61
C VAL G 78 -7.84 -21.26 -2.81
N ASN G 79 -8.52 -21.97 -1.92
CA ASN G 79 -8.90 -23.38 -2.11
C ASN G 79 -10.39 -23.42 -2.38
N LEU G 80 -10.84 -24.25 -3.30
CA LEU G 80 -12.28 -24.40 -3.63
C LEU G 80 -12.71 -25.82 -3.29
N CYS G 81 -13.96 -25.96 -2.86
CA CYS G 81 -14.69 -27.24 -2.83
C CYS G 81 -15.75 -27.12 -3.90
N ALA G 82 -15.57 -27.77 -5.05
CA ALA G 82 -16.36 -27.49 -6.27
C ALA G 82 -17.05 -28.76 -6.78
N SER G 83 -18.35 -28.68 -7.09
CA SER G 83 -19.13 -29.78 -7.71
C SER G 83 -18.97 -29.74 -9.24
N GLU G 84 -18.56 -30.85 -9.83
CA GLU G 84 -18.46 -30.97 -11.30
C GLU G 84 -19.81 -31.36 -11.93
N ALA G 85 -20.88 -31.49 -11.14
CA ALA G 85 -22.21 -31.86 -11.68
C ALA G 85 -22.83 -30.69 -12.48
N TYR G 86 -22.16 -29.54 -12.61
CA TYR G 86 -22.71 -28.35 -13.31
C TYR G 86 -21.60 -27.76 -14.17
N THR G 87 -21.99 -26.98 -15.14
CA THR G 87 -21.08 -26.26 -16.04
C THR G 87 -21.58 -24.82 -16.14
N PRO G 88 -20.83 -23.81 -15.66
CA PRO G 88 -19.60 -24.03 -14.88
C PRO G 88 -19.81 -24.76 -13.55
N ASN G 89 -18.75 -25.34 -13.03
CA ASN G 89 -18.77 -26.07 -11.74
C ASN G 89 -19.26 -25.12 -10.64
N HIS G 90 -19.98 -25.65 -9.64
CA HIS G 90 -20.48 -24.83 -8.50
C HIS G 90 -19.49 -24.86 -7.35
N VAL G 91 -19.25 -23.70 -6.76
CA VAL G 91 -18.46 -23.60 -5.52
C VAL G 91 -19.38 -23.89 -4.35
N TRP G 92 -19.02 -24.87 -3.52
CA TRP G 92 -19.79 -25.18 -2.29
C TRP G 92 -19.00 -24.72 -1.05
N ALA G 93 -17.72 -24.43 -1.21
CA ALA G 93 -16.93 -23.83 -0.12
C ALA G 93 -15.70 -23.19 -0.73
N ILE G 94 -15.23 -22.13 -0.10
CA ILE G 94 -14.01 -21.44 -0.57
C ILE G 94 -13.22 -21.02 0.65
N GLU G 95 -11.90 -21.12 0.52
CA GLU G 95 -10.98 -20.78 1.61
C GLU G 95 -9.95 -19.80 1.08
N LEU G 96 -9.86 -18.65 1.74
CA LEU G 96 -8.79 -17.68 1.46
C LEU G 96 -7.47 -18.26 1.96
N ALA G 97 -6.42 -18.26 1.13
CA ALA G 97 -5.16 -18.99 1.45
C ALA G 97 -3.98 -18.16 0.99
N PRO G 98 -3.71 -17.02 1.61
CA PRO G 98 -2.70 -16.07 1.18
C PRO G 98 -1.28 -16.57 1.01
N HIS G 99 -0.77 -17.44 1.88
CA HIS G 99 0.71 -17.71 1.79
C HIS G 99 0.87 -19.05 1.05
N GLY H 1 -1.42 -6.39 21.26
CA GLY H 1 -1.74 -7.21 22.50
C GLY H 1 -3.24 -7.27 22.74
N VAL H 2 -3.65 -7.66 23.94
CA VAL H 2 -5.06 -7.97 24.30
C VAL H 2 -5.57 -6.84 25.20
N SER H 3 -6.73 -6.30 24.91
CA SER H 3 -7.34 -5.26 25.77
C SER H 3 -7.70 -5.93 27.09
N LYS H 4 -7.56 -5.19 28.18
CA LYS H 4 -7.93 -5.73 29.52
C LYS H 4 -9.42 -6.05 29.51
N THR H 5 -10.25 -5.19 28.93
CA THR H 5 -11.71 -5.47 28.82
C THR H 5 -11.94 -6.81 28.13
N PHE H 6 -11.27 -7.07 27.00
CA PHE H 6 -11.46 -8.33 26.22
C PHE H 6 -11.11 -9.51 27.15
N LYS H 7 -9.97 -9.44 27.83
CA LYS H 7 -9.54 -10.54 28.74
C LYS H 7 -10.57 -10.72 29.86
N ASP H 8 -10.99 -9.63 30.49
CA ASP H 8 -11.95 -9.69 31.65
C ASP H 8 -13.29 -10.23 31.19
N LYS H 9 -13.79 -9.79 30.04
CA LYS H 9 -15.10 -10.31 29.54
C LYS H 9 -14.96 -11.81 29.24
N CYS H 10 -13.86 -12.25 28.66
CA CYS H 10 -13.68 -13.71 28.35
C CYS H 10 -13.61 -14.50 29.69
N ALA H 11 -12.97 -13.96 30.71
CA ALA H 11 -12.79 -14.64 32.04
C ALA H 11 -14.17 -14.83 32.70
N SER H 12 -15.20 -14.05 32.34
CA SER H 12 -16.55 -14.14 32.93
C SER H 12 -17.34 -15.27 32.30
N THR H 13 -16.75 -16.05 31.38
CA THR H 13 -17.44 -17.14 30.65
C THR H 13 -16.63 -18.43 30.81
N THR H 14 -17.14 -19.52 30.26
CA THR H 14 -16.48 -20.85 30.20
C THR H 14 -15.48 -20.92 29.05
N ALA H 15 -15.36 -19.89 28.23
CA ALA H 15 -14.45 -19.89 27.04
C ALA H 15 -13.04 -19.51 27.51
N LYS H 16 -12.03 -19.87 26.71
CA LYS H 16 -10.59 -19.66 26.95
C LYS H 16 -10.10 -18.49 26.08
N LEU H 17 -9.19 -17.67 26.61
CA LEU H 17 -8.52 -16.61 25.86
C LEU H 17 -7.45 -17.27 25.00
N VAL H 18 -7.42 -16.99 23.71
CA VAL H 18 -6.27 -17.35 22.84
C VAL H 18 -5.67 -16.04 22.33
N GLN H 19 -4.41 -15.81 22.66
CA GLN H 19 -3.77 -14.49 22.51
C GLN H 19 -2.88 -14.46 21.29
N SER H 20 -2.86 -13.35 20.54
CA SER H 20 -1.92 -13.08 19.43
C SER H 20 -1.90 -14.26 18.47
N VAL H 21 -3.04 -14.69 17.97
CA VAL H 21 -3.13 -15.75 16.92
C VAL H 21 -2.90 -15.11 15.55
N GLN H 22 -2.11 -15.77 14.69
CA GLN H 22 -2.03 -15.36 13.27
C GLN H 22 -2.93 -16.28 12.47
N LEU H 23 -4.03 -15.75 11.96
CA LEU H 23 -4.93 -16.53 11.08
C LEU H 23 -4.34 -16.51 9.67
N VAL H 24 -4.34 -17.65 9.02
CA VAL H 24 -3.81 -17.77 7.63
C VAL H 24 -4.88 -18.32 6.70
N ASN H 25 -6.01 -18.75 7.22
CA ASN H 25 -7.15 -19.15 6.34
C ASN H 25 -8.48 -18.67 6.92
N ILE H 26 -9.39 -18.32 6.05
CA ILE H 26 -10.82 -18.15 6.44
C ILE H 26 -11.61 -18.79 5.31
N SER H 27 -12.65 -19.54 5.68
CA SER H 27 -13.46 -20.20 4.64
C SER H 27 -14.94 -19.98 4.95
N SER H 28 -15.73 -20.01 3.92
CA SER H 28 -17.20 -20.02 4.01
C SER H 28 -17.68 -21.26 3.27
N ASP H 29 -18.62 -21.96 3.86
CA ASP H 29 -19.00 -23.36 3.45
C ASP H 29 -20.53 -23.35 3.46
N VAL H 30 -21.18 -23.65 2.36
CA VAL H 30 -22.66 -23.85 2.31
C VAL H 30 -23.03 -25.34 2.18
N ASN H 31 -22.07 -26.28 2.37
CA ASN H 31 -22.42 -27.73 2.35
C ASN H 31 -23.36 -28.09 3.51
N LYS H 32 -24.34 -28.98 3.20
CA LYS H 32 -25.48 -29.31 4.09
C LYS H 32 -24.96 -29.62 5.50
N ASP H 33 -23.92 -30.40 5.64
CA ASP H 33 -23.51 -30.90 6.97
C ASP H 33 -22.43 -30.03 7.63
N SER H 34 -21.88 -29.05 6.96
CA SER H 34 -20.67 -28.34 7.45
C SER H 34 -20.80 -26.80 7.31
N LYS H 35 -21.99 -26.29 7.01
CA LYS H 35 -22.33 -24.88 6.80
C LYS H 35 -21.62 -24.03 7.87
N GLY H 36 -20.92 -22.98 7.48
CA GLY H 36 -20.39 -22.03 8.48
C GLY H 36 -19.11 -21.34 8.01
N ILE H 37 -18.59 -20.51 8.90
CA ILE H 37 -17.29 -19.79 8.73
C ILE H 37 -16.25 -20.49 9.58
N TYR H 38 -15.12 -20.82 8.99
CA TYR H 38 -14.00 -21.42 9.75
C TYR H 38 -12.78 -20.53 9.51
N ILE H 39 -11.96 -20.43 10.54
CA ILE H 39 -10.69 -19.70 10.51
C ILE H 39 -9.60 -20.64 11.03
N SER H 40 -8.41 -20.54 10.45
CA SER H 40 -7.29 -21.43 10.83
C SER H 40 -6.03 -20.62 11.07
N SER H 41 -5.28 -21.00 12.10
CA SER H 41 -4.02 -20.37 12.51
C SER H 41 -2.85 -20.92 11.70
N SER H 42 -1.71 -20.22 11.73
CA SER H 42 -0.47 -20.71 11.08
C SER H 42 -0.07 -22.09 11.63
N ALA H 43 -0.36 -22.39 12.89
CA ALA H 43 -0.08 -23.72 13.51
C ALA H 43 -1.05 -24.78 12.97
N GLY H 44 -2.14 -24.43 12.29
CA GLY H 44 -3.11 -25.41 11.74
C GLY H 44 -4.33 -25.62 12.64
N LYS H 45 -4.48 -24.94 13.79
CA LYS H 45 -5.72 -24.99 14.60
C LYS H 45 -6.89 -24.30 13.85
N THR H 46 -8.10 -24.85 13.94
CA THR H 46 -9.29 -24.31 13.28
C THR H 46 -10.33 -23.94 14.32
N TRP H 47 -11.00 -22.80 14.13
CA TRP H 47 -12.17 -22.40 14.93
C TRP H 47 -13.35 -22.20 13.99
N PHE H 48 -14.53 -22.24 14.58
CA PHE H 48 -15.81 -21.99 13.92
C PHE H 48 -16.36 -20.69 14.46
N ILE H 49 -16.85 -19.84 13.57
CA ILE H 49 -17.51 -18.57 13.93
C ILE H 49 -18.99 -18.78 13.72
N PRO H 50 -19.78 -18.87 14.82
CA PRO H 50 -21.22 -19.02 14.69
C PRO H 50 -21.85 -17.81 13.98
N GLY H 51 -22.97 -18.06 13.34
CA GLY H 51 -23.84 -17.06 12.73
C GLY H 51 -24.79 -16.46 13.74
N GLY H 52 -25.51 -15.41 13.38
CA GLY H 52 -26.61 -14.89 14.21
C GLY H 52 -27.77 -14.53 13.32
N GLN H 53 -28.96 -15.04 13.57
CA GLN H 53 -30.12 -14.84 12.68
C GLN H 53 -30.81 -13.52 13.11
N TYR H 54 -30.82 -13.15 14.38
CA TYR H 54 -31.59 -11.99 14.87
C TYR H 54 -30.68 -10.93 15.50
N TYR H 55 -31.20 -9.73 15.66
CA TYR H 55 -30.55 -8.63 16.38
C TYR H 55 -30.33 -9.09 17.82
N PRO H 56 -29.17 -8.82 18.46
CA PRO H 56 -28.02 -8.15 17.86
C PRO H 56 -26.96 -9.10 17.28
N ASP H 57 -27.13 -10.39 17.44
CA ASP H 57 -26.13 -11.40 16.99
C ASP H 57 -25.90 -11.32 15.48
N ASN H 58 -26.88 -10.91 14.69
CA ASN H 58 -26.74 -10.76 13.23
C ASN H 58 -25.59 -9.77 12.95
N TYR H 59 -25.65 -8.55 13.45
CA TYR H 59 -24.57 -7.55 13.14
C TYR H 59 -23.31 -7.92 13.91
N LEU H 60 -23.40 -8.49 15.11
CA LEU H 60 -22.18 -8.78 15.90
C LEU H 60 -21.39 -9.92 15.20
N SER H 61 -22.12 -10.91 14.70
CA SER H 61 -21.47 -12.05 14.02
C SER H 61 -20.83 -11.51 12.72
N ASN H 62 -21.51 -10.63 12.03
CA ASN H 62 -20.98 -9.99 10.82
C ASN H 62 -19.64 -9.28 11.16
N GLU H 63 -19.57 -8.54 12.27
CA GLU H 63 -18.30 -7.85 12.65
C GLU H 63 -17.24 -8.87 13.01
N MET H 64 -17.59 -9.99 13.63
CA MET H 64 -16.60 -11.05 13.91
C MET H 64 -15.99 -11.55 12.60
N ARG H 65 -16.81 -11.73 11.60
CA ARG H 65 -16.35 -12.19 10.26
C ARG H 65 -15.45 -11.12 9.60
N LYS H 66 -15.81 -9.85 9.68
CA LYS H 66 -14.99 -8.79 9.08
C LYS H 66 -13.65 -8.76 9.78
N ILE H 67 -13.61 -8.91 11.10
CA ILE H 67 -12.34 -8.92 11.85
C ILE H 67 -11.48 -10.08 11.35
N ALA H 68 -12.05 -11.27 11.29
CA ALA H 68 -11.31 -12.46 10.86
C ALA H 68 -10.82 -12.31 9.44
N MET H 69 -11.65 -11.79 8.57
CA MET H 69 -11.29 -11.64 7.13
C MET H 69 -10.10 -10.68 6.99
N ALA H 70 -10.16 -9.57 7.68
CA ALA H 70 -9.07 -8.54 7.69
C ALA H 70 -7.81 -9.17 8.29
N ALA H 71 -7.91 -9.94 9.33
CA ALA H 71 -6.76 -10.61 9.95
C ALA H 71 -6.06 -11.50 8.94
N VAL H 72 -6.82 -12.26 8.18
CA VAL H 72 -6.23 -13.20 7.19
C VAL H 72 -5.65 -12.38 6.06
N LEU H 73 -6.43 -11.47 5.48
CA LEU H 73 -6.04 -10.79 4.24
C LEU H 73 -4.88 -9.85 4.56
N SER H 74 -4.87 -9.16 5.70
CA SER H 74 -3.82 -8.14 5.99
C SER H 74 -2.68 -8.74 6.85
N ASN H 75 -2.79 -9.99 7.24
CA ASN H 75 -1.79 -10.73 8.07
C ASN H 75 -1.58 -9.98 9.38
N VAL H 76 -2.66 -9.73 10.13
CA VAL H 76 -2.58 -9.07 11.46
C VAL H 76 -3.18 -10.02 12.49
N ARG H 77 -2.68 -9.92 13.72
CA ARG H 77 -3.00 -10.81 14.82
C ARG H 77 -4.41 -10.48 15.35
N VAL H 78 -5.03 -11.49 15.94
CA VAL H 78 -6.28 -11.37 16.71
C VAL H 78 -6.09 -12.02 18.08
N ASN H 79 -6.97 -11.65 19.00
CA ASN H 79 -7.22 -12.41 20.24
C ASN H 79 -8.57 -13.09 20.10
N LEU H 80 -8.70 -14.32 20.54
CA LEU H 80 -9.99 -15.06 20.49
C LEU H 80 -10.47 -15.34 21.91
N CYS H 81 -11.77 -15.36 22.10
CA CYS H 81 -12.43 -15.93 23.28
C CYS H 81 -13.19 -17.15 22.74
N ALA H 82 -12.68 -18.37 22.99
CA ALA H 82 -13.09 -19.58 22.25
C ALA H 82 -13.57 -20.64 23.26
N SER H 83 -14.75 -21.24 23.01
CA SER H 83 -15.30 -22.37 23.79
C SER H 83 -14.71 -23.69 23.29
N GLU H 84 -14.11 -24.46 24.22
CA GLU H 84 -13.54 -25.79 23.88
C GLU H 84 -14.64 -26.86 23.98
N ALA H 85 -15.88 -26.51 24.27
CA ALA H 85 -17.01 -27.47 24.34
C ALA H 85 -17.38 -28.00 22.96
N TYR H 86 -16.73 -27.57 21.87
CA TYR H 86 -17.08 -28.00 20.50
C TYR H 86 -15.78 -28.24 19.76
N THR H 87 -15.89 -28.99 18.68
CA THR H 87 -14.77 -29.31 17.77
C THR H 87 -15.29 -29.08 16.36
N PRO H 88 -14.72 -28.12 15.60
CA PRO H 88 -13.77 -27.13 16.11
C PRO H 88 -14.35 -26.22 17.21
N ASN H 89 -13.46 -25.61 17.97
CA ASN H 89 -13.84 -24.68 19.06
C ASN H 89 -14.65 -23.51 18.45
N HIS H 90 -15.60 -22.97 19.20
CA HIS H 90 -16.46 -21.85 18.75
C HIS H 90 -15.87 -20.55 19.22
N VAL H 91 -15.81 -19.57 18.33
CA VAL H 91 -15.39 -18.19 18.68
C VAL H 91 -16.61 -17.49 19.28
N TRP H 92 -16.48 -16.97 20.49
CA TRP H 92 -17.55 -16.20 21.15
C TRP H 92 -17.16 -14.73 21.21
N ALA H 93 -15.89 -14.40 20.98
CA ALA H 93 -15.48 -13.00 20.82
C ALA H 93 -14.14 -13.00 20.10
N ILE H 94 -13.89 -11.95 19.34
CA ILE H 94 -12.63 -11.81 18.60
C ILE H 94 -12.24 -10.35 18.65
N GLU H 95 -10.95 -10.12 18.78
CA GLU H 95 -10.37 -8.78 18.85
C GLU H 95 -9.27 -8.62 17.82
N LEU H 96 -9.40 -7.61 16.99
CA LEU H 96 -8.33 -7.27 16.02
C LEU H 96 -7.18 -6.64 16.84
N ALA H 97 -5.94 -7.09 16.65
CA ALA H 97 -4.80 -6.64 17.49
C ALA H 97 -3.57 -6.45 16.62
N PRO H 98 -3.59 -5.43 15.74
CA PRO H 98 -2.46 -5.18 14.84
C PRO H 98 -1.10 -4.92 15.51
N HIS H 99 -1.04 -4.20 16.62
CA HIS H 99 0.29 -3.75 17.11
C HIS H 99 0.83 -4.73 18.15
N GLY I 1 -7.60 16.52 12.19
CA GLY I 1 -8.21 17.40 13.26
C GLY I 1 -9.67 17.02 13.48
N VAL I 2 -10.38 17.84 14.25
CA VAL I 2 -11.83 17.68 14.53
C VAL I 2 -12.62 18.70 13.71
N SER I 3 -13.65 18.28 13.01
CA SER I 3 -14.53 19.22 12.29
C SER I 3 -15.25 20.08 13.36
N LYS I 4 -15.47 21.34 13.03
CA LYS I 4 -16.26 22.23 13.93
C LYS I 4 -17.64 21.62 14.13
N THR I 5 -18.27 21.13 13.07
CA THR I 5 -19.63 20.50 13.20
C THR I 5 -19.57 19.38 14.23
N PHE I 6 -18.57 18.50 14.15
CA PHE I 6 -18.45 17.34 15.07
C PHE I 6 -18.38 17.87 16.51
N LYS I 7 -17.50 18.84 16.75
CA LYS I 7 -17.34 19.45 18.10
C LYS I 7 -18.68 20.05 18.57
N ASP I 8 -19.33 20.83 17.71
CA ASP I 8 -20.60 21.54 18.07
C ASP I 8 -21.71 20.51 18.34
N LYS I 9 -21.83 19.47 17.52
CA LYS I 9 -22.88 18.43 17.74
C LYS I 9 -22.61 17.75 19.09
N CYS I 10 -21.35 17.45 19.42
CA CYS I 10 -21.02 16.80 20.70
C CYS I 10 -21.37 17.74 21.88
N ALA I 11 -21.11 19.02 21.74
CA ALA I 11 -21.33 20.04 22.80
C ALA I 11 -22.83 20.16 23.11
N SER I 12 -23.73 19.76 22.19
CA SER I 12 -25.19 19.86 22.39
C SER I 12 -25.69 18.69 23.25
N THR I 13 -24.80 17.80 23.71
CA THR I 13 -25.17 16.60 24.51
C THR I 13 -24.38 16.61 25.81
N THR I 14 -24.63 15.62 26.66
CA THR I 14 -23.93 15.35 27.94
C THR I 14 -22.61 14.61 27.70
N ALA I 15 -22.29 14.25 26.47
CA ALA I 15 -21.08 13.45 26.13
C ALA I 15 -19.89 14.42 25.99
N LYS I 16 -18.66 13.88 26.13
CA LYS I 16 -17.37 14.56 26.08
C LYS I 16 -16.70 14.32 24.71
N LEU I 17 -16.04 15.34 24.19
CA LEU I 17 -15.24 15.24 22.97
C LEU I 17 -13.91 14.59 23.32
N VAL I 18 -13.50 13.55 22.64
CA VAL I 18 -12.14 12.99 22.75
C VAL I 18 -11.49 13.12 21.39
N GLN I 19 -10.38 13.86 21.32
CA GLN I 19 -9.81 14.33 20.04
C GLN I 19 -8.58 13.48 19.72
N SER I 20 -8.39 13.16 18.44
CA SER I 20 -7.16 12.58 17.87
C SER I 20 -6.79 11.33 18.64
N VAL I 21 -7.70 10.39 18.79
CA VAL I 21 -7.45 9.08 19.46
C VAL I 21 -6.88 8.14 18.43
N GLN I 22 -5.84 7.35 18.78
CA GLN I 22 -5.38 6.24 17.91
C GLN I 22 -5.98 4.97 18.47
N LEU I 23 -6.90 4.35 17.75
CA LEU I 23 -7.45 3.04 18.17
C LEU I 23 -6.49 1.93 17.77
N VAL I 24 -6.26 1.00 18.68
CA VAL I 24 -5.33 -0.15 18.42
C VAL I 24 -6.06 -1.48 18.58
N ASN I 25 -7.29 -1.48 19.07
CA ASN I 25 -8.10 -2.71 19.13
C ASN I 25 -9.58 -2.43 18.78
N ILE I 26 -10.21 -3.41 18.14
CA ILE I 26 -11.68 -3.42 18.01
C ILE I 26 -12.08 -4.86 18.20
N SER I 27 -13.17 -5.10 18.92
CA SER I 27 -13.61 -6.48 19.20
C SER I 27 -15.11 -6.57 18.98
N SER I 28 -15.57 -7.76 18.63
CA SER I 28 -17.01 -8.09 18.64
C SER I 28 -17.18 -9.30 19.53
N ASP I 29 -18.25 -9.30 20.32
CA ASP I 29 -18.47 -10.26 21.43
C ASP I 29 -19.94 -10.63 21.37
N VAL I 30 -20.26 -11.93 21.22
CA VAL I 30 -21.67 -12.40 21.25
C VAL I 30 -21.95 -13.15 22.57
N ASN I 31 -21.08 -13.05 23.58
CA ASN I 31 -21.37 -13.66 24.92
C ASN I 31 -22.60 -12.98 25.56
N LYS I 32 -23.42 -13.80 26.24
CA LYS I 32 -24.75 -13.42 26.78
C LYS I 32 -24.62 -12.10 27.54
N ASP I 33 -23.64 -11.98 28.41
CA ASP I 33 -23.60 -10.86 29.37
C ASP I 33 -22.74 -9.70 28.87
N SER I 34 -22.04 -9.82 27.74
CA SER I 34 -21.07 -8.78 27.31
C SER I 34 -21.21 -8.44 25.81
N LYS I 35 -22.32 -8.84 25.18
CA LYS I 35 -22.63 -8.62 23.74
C LYS I 35 -22.26 -7.20 23.33
N GLY I 36 -21.49 -7.00 22.27
CA GLY I 36 -21.31 -5.66 21.69
C GLY I 36 -19.95 -5.48 21.04
N ILE I 37 -19.72 -4.26 20.57
CA ILE I 37 -18.48 -3.81 19.91
C ILE I 37 -17.70 -2.97 20.90
N TYR I 38 -16.43 -3.26 21.09
CA TYR I 38 -15.56 -2.46 21.97
C TYR I 38 -14.35 -2.01 21.15
N ILE I 39 -13.86 -0.82 21.47
CA ILE I 39 -12.65 -0.24 20.85
C ILE I 39 -11.71 0.19 21.96
N SER I 40 -10.42 0.13 21.72
CA SER I 40 -9.43 0.63 22.72
C SER I 40 -8.35 1.46 22.06
N SER I 41 -7.91 2.52 22.78
CA SER I 41 -6.88 3.48 22.28
C SER I 41 -5.48 2.98 22.65
N SER I 42 -4.45 3.55 22.05
CA SER I 42 -3.04 3.23 22.39
C SER I 42 -2.78 3.64 23.86
N ALA I 43 -3.46 4.64 24.39
CA ALA I 43 -3.36 5.05 25.81
C ALA I 43 -4.04 4.03 26.73
N GLY I 44 -4.82 3.09 26.22
CA GLY I 44 -5.46 2.04 27.06
C GLY I 44 -6.91 2.36 27.47
N LYS I 45 -7.50 3.44 26.98
CA LYS I 45 -8.95 3.73 27.23
C LYS I 45 -9.82 2.80 26.40
N THR I 46 -10.94 2.33 26.93
CA THR I 46 -11.85 1.41 26.18
C THR I 46 -13.24 2.01 26.09
N TRP I 47 -13.88 1.94 24.91
CA TRP I 47 -15.27 2.40 24.75
C TRP I 47 -16.12 1.27 24.20
N PHE I 48 -17.41 1.41 24.39
CA PHE I 48 -18.46 0.53 23.82
C PHE I 48 -19.20 1.31 22.72
N ILE I 49 -19.43 0.66 21.59
CA ILE I 49 -20.22 1.25 20.48
C ILE I 49 -21.58 0.56 20.50
N PRO I 50 -22.64 1.26 20.89
CA PRO I 50 -23.98 0.68 20.89
C PRO I 50 -24.43 0.29 19.47
N GLY I 51 -25.29 -0.70 19.40
CA GLY I 51 -25.94 -1.10 18.12
C GLY I 51 -27.21 -0.31 17.89
N GLY I 52 -27.84 -0.48 16.76
CA GLY I 52 -29.15 0.15 16.46
C GLY I 52 -30.03 -0.85 15.76
N GLN I 53 -31.25 -1.07 16.25
CA GLN I 53 -32.11 -2.16 15.70
C GLN I 53 -32.91 -1.58 14.52
N TYR I 54 -33.31 -0.30 14.56
CA TYR I 54 -34.27 0.25 13.55
C TYR I 54 -33.63 1.43 12.84
N TYR I 55 -34.20 1.84 11.70
CA TYR I 55 -33.83 3.03 10.97
C TYR I 55 -34.02 4.23 11.90
N PRO I 56 -33.11 5.22 11.92
CA PRO I 56 -31.84 5.22 11.17
C PRO I 56 -30.64 4.70 11.96
N ASP I 57 -30.83 4.36 13.23
CA ASP I 57 -29.71 3.91 14.09
C ASP I 57 -29.02 2.65 13.51
N ASN I 58 -29.76 1.80 12.83
CA ASN I 58 -29.19 0.59 12.21
C ASN I 58 -28.03 0.99 11.26
N TYR I 59 -28.28 1.84 10.26
CA TYR I 59 -27.21 2.18 9.29
C TYR I 59 -26.21 3.09 9.98
N LEU I 60 -26.60 3.96 10.89
CA LEU I 60 -25.65 4.92 11.48
C LEU I 60 -24.67 4.16 12.36
N SER I 61 -25.18 3.18 13.12
CA SER I 61 -24.32 2.36 13.99
C SER I 61 -23.36 1.57 13.12
N ASN I 62 -23.83 1.05 12.00
CA ASN I 62 -23.00 0.30 11.04
C ASN I 62 -21.86 1.22 10.55
N GLU I 63 -22.13 2.49 10.23
CA GLU I 63 -21.08 3.43 9.79
C GLU I 63 -20.12 3.70 10.93
N MET I 64 -20.59 3.81 12.17
CA MET I 64 -19.68 4.01 13.30
C MET I 64 -18.69 2.83 13.40
N ARG I 65 -19.19 1.62 13.23
CA ARG I 65 -18.34 0.42 13.24
C ARG I 65 -17.33 0.42 12.07
N LYS I 66 -17.76 0.80 10.86
CA LYS I 66 -16.85 0.84 9.72
C LYS I 66 -15.74 1.86 9.99
N ILE I 67 -16.09 2.99 10.56
CA ILE I 67 -15.08 4.02 10.91
C ILE I 67 -14.09 3.45 11.89
N ALA I 68 -14.58 2.85 12.95
CA ALA I 68 -13.70 2.30 14.02
C ALA I 68 -12.79 1.21 13.45
N MET I 69 -13.35 0.33 12.62
CA MET I 69 -12.61 -0.81 12.06
C MET I 69 -11.46 -0.28 11.18
N ALA I 70 -11.77 0.67 10.31
CA ALA I 70 -10.79 1.33 9.42
C ALA I 70 -9.73 2.02 10.26
N ALA I 71 -10.10 2.70 11.33
CA ALA I 71 -9.13 3.41 12.20
C ALA I 71 -8.13 2.39 12.77
N VAL I 72 -8.60 1.23 13.21
CA VAL I 72 -7.71 0.20 13.77
C VAL I 72 -6.84 -0.39 12.66
N LEU I 73 -7.46 -0.82 11.59
CA LEU I 73 -6.78 -1.60 10.55
C LEU I 73 -5.80 -0.68 9.82
N SER I 74 -6.16 0.58 9.55
CA SER I 74 -5.31 1.48 8.73
C SER I 74 -4.45 2.38 9.61
N ASN I 75 -4.59 2.31 10.93
CA ASN I 75 -3.82 3.14 11.90
C ASN I 75 -4.07 4.62 11.60
N VAL I 76 -5.34 5.04 11.59
CA VAL I 76 -5.76 6.44 11.34
C VAL I 76 -6.47 6.93 12.62
N ARG I 77 -6.34 8.22 12.91
CA ARG I 77 -6.93 8.82 14.11
C ARG I 77 -8.45 8.98 13.94
N VAL I 78 -9.16 9.02 15.05
CA VAL I 78 -10.59 9.40 15.12
C VAL I 78 -10.77 10.46 16.20
N ASN I 79 -11.90 11.13 16.12
CA ASN I 79 -12.49 11.91 17.23
C ASN I 79 -13.71 11.17 17.74
N LEU I 80 -13.91 11.13 19.03
CA LEU I 80 -15.10 10.48 19.64
C LEU I 80 -15.97 11.52 20.35
N CYS I 81 -17.27 11.28 20.34
CA CYS I 81 -18.21 11.94 21.26
C CYS I 81 -18.71 10.84 22.19
N ALA I 82 -18.24 10.82 23.45
CA ALA I 82 -18.43 9.66 24.34
C ALA I 82 -19.13 10.05 25.64
N SER I 83 -20.14 9.28 26.06
CA SER I 83 -20.84 9.46 27.35
C SER I 83 -20.07 8.76 28.47
N GLU I 84 -19.74 9.49 29.54
CA GLU I 84 -19.08 8.95 30.74
C GLU I 84 -20.11 8.38 31.72
N ALA I 85 -21.41 8.39 31.38
CA ALA I 85 -22.47 7.83 32.25
C ALA I 85 -22.41 6.30 32.28
N TYR I 86 -21.49 5.64 31.57
CA TYR I 86 -21.40 4.17 31.52
C TYR I 86 -19.94 3.81 31.60
N THR I 87 -19.67 2.56 31.97
CA THR I 87 -18.31 1.98 32.04
C THR I 87 -18.37 0.63 31.38
N PRO I 88 -17.70 0.40 30.22
CA PRO I 88 -16.97 1.45 29.50
C PRO I 88 -17.90 2.57 28.96
N ASN I 89 -17.30 3.71 28.69
CA ASN I 89 -18.02 4.89 28.14
C ASN I 89 -18.64 4.48 26.79
N HIS I 90 -19.79 5.05 26.44
CA HIS I 90 -20.52 4.75 25.19
C HIS I 90 -20.15 5.77 24.12
N VAL I 91 -19.87 5.29 22.91
CA VAL I 91 -19.64 6.19 21.76
C VAL I 91 -20.99 6.63 21.19
N TRP I 92 -21.22 7.92 21.11
CA TRP I 92 -22.47 8.46 20.51
C TRP I 92 -22.16 9.08 19.15
N ALA I 93 -20.90 9.36 18.85
CA ALA I 93 -20.52 9.80 17.51
C ALA I 93 -19.02 9.53 17.33
N ILE I 94 -18.63 9.27 16.10
CA ILE I 94 -17.18 9.04 15.80
C ILE I 94 -16.88 9.70 14.47
N GLU I 95 -15.72 10.28 14.37
CA GLU I 95 -15.24 10.98 13.17
C GLU I 95 -13.88 10.42 12.75
N LEU I 96 -13.79 9.96 11.53
CA LEU I 96 -12.52 9.53 10.94
C LEU I 96 -11.68 10.79 10.68
N ALA I 97 -10.43 10.84 11.08
CA ALA I 97 -9.64 12.09 11.08
C ALA I 97 -8.21 11.75 10.71
N PRO I 98 -7.95 11.33 9.46
CA PRO I 98 -6.58 10.95 9.07
C PRO I 98 -5.55 12.08 9.14
N HIS I 99 -5.89 13.33 8.82
CA HIS I 99 -4.78 14.32 8.59
C HIS I 99 -4.57 15.14 9.86
N GLY J 1 -11.29 14.34 -12.59
CA GLY J 1 -12.27 15.27 -13.23
C GLY J 1 -13.71 14.87 -12.86
N VAL J 2 -14.65 15.60 -13.41
CA VAL J 2 -16.11 15.43 -13.22
C VAL J 2 -16.67 14.83 -14.50
N SER J 3 -17.45 13.77 -14.39
CA SER J 3 -18.10 13.19 -15.58
C SER J 3 -19.11 14.22 -16.10
N LYS J 4 -19.26 14.31 -17.42
CA LYS J 4 -20.26 15.23 -18.01
C LYS J 4 -21.64 14.82 -17.50
N THR J 5 -21.95 13.53 -17.46
CA THR J 5 -23.25 13.04 -16.93
C THR J 5 -23.48 13.61 -15.51
N PHE J 6 -22.47 13.55 -14.62
CA PHE J 6 -22.60 13.99 -13.22
C PHE J 6 -22.94 15.49 -13.24
N LYS J 7 -22.19 16.27 -14.01
CA LYS J 7 -22.44 17.74 -14.12
C LYS J 7 -23.86 17.99 -14.65
N ASP J 8 -24.24 17.32 -15.72
CA ASP J 8 -25.59 17.52 -16.37
C ASP J 8 -26.69 17.12 -15.40
N LYS J 9 -26.56 15.98 -14.70
CA LYS J 9 -27.61 15.56 -13.73
C LYS J 9 -27.70 16.61 -12.62
N CYS J 10 -26.60 17.15 -12.13
CA CYS J 10 -26.64 18.17 -11.04
C CYS J 10 -27.32 19.46 -11.56
N ALA J 11 -27.06 19.83 -12.82
CA ALA J 11 -27.63 21.06 -13.45
C ALA J 11 -29.16 20.91 -13.57
N SER J 12 -29.72 19.71 -13.56
CA SER J 12 -31.17 19.46 -13.69
C SER J 12 -31.87 19.64 -12.36
N THR J 13 -31.18 20.05 -11.29
CA THR J 13 -31.74 20.21 -9.93
C THR J 13 -31.42 21.62 -9.43
N THR J 14 -31.87 21.96 -8.23
CA THR J 14 -31.56 23.25 -7.53
C THR J 14 -30.21 23.18 -6.83
N ALA J 15 -29.54 22.03 -6.83
CA ALA J 15 -28.26 21.83 -6.12
C ALA J 15 -27.10 22.35 -6.98
N LYS J 16 -25.96 22.65 -6.35
CA LYS J 16 -24.73 23.23 -6.93
C LYS J 16 -23.67 22.14 -7.05
N LEU J 17 -22.90 22.16 -8.14
CA LEU J 17 -21.77 21.26 -8.35
C LEU J 17 -20.60 21.77 -7.54
N VAL J 18 -19.98 20.94 -6.72
CA VAL J 18 -18.66 21.24 -6.11
C VAL J 18 -17.65 20.22 -6.66
N GLN J 19 -16.61 20.71 -7.31
CA GLN J 19 -15.66 19.91 -8.11
C GLN J 19 -14.38 19.66 -7.34
N SER J 20 -13.83 18.45 -7.46
CA SER J 20 -12.46 18.08 -7.02
C SER J 20 -12.27 18.46 -5.57
N VAL J 21 -13.16 18.02 -4.69
CA VAL J 21 -13.06 18.28 -3.22
C VAL J 21 -12.19 17.20 -2.62
N GLN J 22 -11.30 17.53 -1.70
CA GLN J 22 -10.60 16.51 -0.87
C GLN J 22 -11.31 16.40 0.46
N LEU J 23 -11.98 15.30 0.72
CA LEU J 23 -12.61 15.08 2.04
C LEU J 23 -11.56 14.62 3.06
N VAL J 24 -11.60 15.19 4.25
CA VAL J 24 -10.62 14.88 5.31
C VAL J 24 -11.33 14.41 6.57
N ASN J 25 -12.65 14.50 6.64
CA ASN J 25 -13.40 13.91 7.76
C ASN J 25 -14.71 13.27 7.29
N ILE J 26 -15.08 12.16 7.94
CA ILE J 26 -16.46 11.62 7.77
C ILE J 26 -16.85 11.16 9.16
N SER J 27 -18.10 11.39 9.54
CA SER J 27 -18.56 11.04 10.90
C SER J 27 -19.93 10.42 10.81
N SER J 28 -20.21 9.57 11.77
CA SER J 28 -21.56 9.03 12.02
C SER J 28 -21.93 9.40 13.45
N ASP J 29 -23.18 9.80 13.67
CA ASP J 29 -23.65 10.38 14.96
C ASP J 29 -25.03 9.76 15.22
N VAL J 30 -25.28 9.13 16.37
CA VAL J 30 -26.63 8.61 16.70
C VAL J 30 -27.27 9.46 17.83
N ASN J 31 -26.73 10.63 18.14
CA ASN J 31 -27.36 11.54 19.15
C ASN J 31 -28.72 12.03 18.67
N LYS J 32 -29.69 12.13 19.59
CA LYS J 32 -31.13 12.39 19.30
C LYS J 32 -31.23 13.59 18.35
N ASP J 33 -30.52 14.66 18.63
CA ASP J 33 -30.77 15.95 17.92
C ASP J 33 -29.82 16.13 16.73
N SER J 34 -28.85 15.24 16.49
CA SER J 34 -27.83 15.50 15.43
C SER J 34 -27.55 14.24 14.59
N LYS J 35 -28.40 13.21 14.70
CA LYS J 35 -28.31 11.91 14.00
C LYS J 35 -27.90 12.15 12.54
N GLY J 36 -26.87 11.46 12.04
CA GLY J 36 -26.57 11.56 10.60
C GLY J 36 -25.11 11.38 10.27
N ILE J 37 -24.84 11.44 8.97
CA ILE J 37 -23.48 11.31 8.38
C ILE J 37 -23.06 12.70 7.93
N TYR J 38 -21.88 13.13 8.33
CA TYR J 38 -21.33 14.43 7.91
C TYR J 38 -19.97 14.16 7.31
N ILE J 39 -19.61 14.99 6.33
CA ILE J 39 -18.28 14.96 5.68
C ILE J 39 -17.73 16.38 5.68
N SER J 40 -16.41 16.53 5.75
CA SER J 40 -15.75 17.84 5.66
C SER J 40 -14.57 17.82 4.72
N SER J 41 -14.38 18.92 3.98
CA SER J 41 -13.29 19.09 3.00
C SER J 41 -12.05 19.69 3.70
N SER J 42 -10.91 19.60 3.04
CA SER J 42 -9.66 20.21 3.55
C SER J 42 -9.85 21.75 3.62
N ALA J 43 -10.69 22.35 2.80
CA ALA J 43 -10.98 23.80 2.81
C ALA J 43 -11.88 24.13 4.02
N GLY J 44 -12.47 23.17 4.73
CA GLY J 44 -13.28 23.43 5.92
C GLY J 44 -14.80 23.43 5.65
N LYS J 45 -15.26 23.15 4.43
CA LYS J 45 -16.71 23.06 4.13
C LYS J 45 -17.27 21.75 4.72
N THR J 46 -18.47 21.76 5.26
CA THR J 46 -19.09 20.54 5.85
C THR J 46 -20.40 20.26 5.15
N TRP J 47 -20.68 19.00 4.81
CA TRP J 47 -21.97 18.60 4.23
C TRP J 47 -22.60 17.50 5.08
N PHE J 48 -23.89 17.34 4.93
CA PHE J 48 -24.72 16.26 5.51
C PHE J 48 -25.11 15.31 4.38
N ILE J 49 -24.99 14.00 4.62
CA ILE J 49 -25.44 12.96 3.65
C ILE J 49 -26.73 12.37 4.19
N PRO J 50 -27.88 12.67 3.60
CA PRO J 50 -29.14 12.08 4.07
C PRO J 50 -29.13 10.55 3.92
N GLY J 51 -29.89 9.90 4.78
CA GLY J 51 -30.16 8.46 4.69
C GLY J 51 -31.34 8.15 3.79
N GLY J 52 -31.58 6.88 3.52
CA GLY J 52 -32.76 6.42 2.78
C GLY J 52 -33.33 5.21 3.47
N GLN J 53 -34.61 5.21 3.82
CA GLN J 53 -35.23 4.09 4.55
C GLN J 53 -35.69 3.04 3.53
N TYR J 54 -36.12 3.42 2.32
CA TYR J 54 -36.76 2.43 1.39
C TYR J 54 -36.02 2.36 0.07
N TYR J 55 -36.25 1.31 -0.71
CA TYR J 55 -35.72 1.16 -2.08
C TYR J 55 -36.21 2.33 -2.92
N PRO J 56 -35.38 2.96 -3.77
CA PRO J 56 -33.96 2.64 -3.95
C PRO J 56 -33.01 3.52 -3.10
N ASP J 57 -33.55 4.49 -2.37
CA ASP J 57 -32.72 5.44 -1.57
C ASP J 57 -31.85 4.71 -0.55
N ASN J 58 -32.33 3.58 -0.01
CA ASN J 58 -31.56 2.80 0.97
C ASN J 58 -30.20 2.41 0.33
N TYR J 59 -30.17 1.71 -0.80
CA TYR J 59 -28.87 1.28 -1.38
C TYR J 59 -28.14 2.49 -1.95
N LEU J 60 -28.83 3.50 -2.51
CA LEU J 60 -28.14 4.62 -3.15
C LEU J 60 -27.42 5.44 -2.05
N SER J 61 -28.08 5.64 -0.92
CA SER J 61 -27.49 6.40 0.19
C SER J 61 -26.27 5.61 0.72
N ASN J 62 -26.39 4.30 0.81
CA ASN J 62 -25.30 3.41 1.25
C ASN J 62 -24.09 3.59 0.30
N GLU J 63 -24.30 3.67 -1.02
CA GLU J 63 -23.19 3.86 -1.99
C GLU J 63 -22.60 5.26 -1.81
N MET J 64 -23.42 6.28 -1.53
CA MET J 64 -22.89 7.63 -1.28
C MET J 64 -21.95 7.59 -0.07
N ARG J 65 -22.33 6.87 0.97
CA ARG J 65 -21.49 6.71 2.17
C ARG J 65 -20.19 5.96 1.86
N LYS J 66 -20.25 4.88 1.08
CA LYS J 66 -19.06 4.11 0.74
C LYS J 66 -18.11 5.02 -0.07
N ILE J 67 -18.63 5.84 -0.97
CA ILE J 67 -17.81 6.73 -1.77
C ILE J 67 -17.12 7.74 -0.83
N ALA J 68 -17.90 8.37 0.04
CA ALA J 68 -17.34 9.34 0.98
C ALA J 68 -16.29 8.72 1.89
N MET J 69 -16.56 7.54 2.39
CA MET J 69 -15.65 6.85 3.34
C MET J 69 -14.31 6.56 2.66
N ALA J 70 -14.38 6.02 1.45
CA ALA J 70 -13.19 5.71 0.64
C ALA J 70 -12.44 7.00 0.30
N ALA J 71 -13.12 8.07 0.00
CA ALA J 71 -12.48 9.37 -0.30
C ALA J 71 -11.65 9.84 0.90
N VAL J 72 -12.21 9.74 2.09
CA VAL J 72 -11.49 10.15 3.32
C VAL J 72 -10.32 9.20 3.57
N LEU J 73 -10.59 7.90 3.60
CA LEU J 73 -9.62 6.91 4.03
C LEU J 73 -8.48 6.84 3.00
N SER J 74 -8.78 6.90 1.69
CA SER J 74 -7.78 6.67 0.63
C SER J 74 -7.21 8.00 0.13
N ASN J 75 -7.71 9.15 0.64
CA ASN J 75 -7.30 10.49 0.21
C ASN J 75 -7.49 10.64 -1.32
N VAL J 76 -8.71 10.42 -1.79
CA VAL J 76 -9.05 10.60 -3.23
C VAL J 76 -10.16 11.64 -3.31
N ARG J 77 -10.14 12.41 -4.42
CA ARG J 77 -11.06 13.54 -4.62
C ARG J 77 -12.47 13.00 -4.95
N VAL J 78 -13.47 13.80 -4.70
CA VAL J 78 -14.87 13.60 -5.14
C VAL J 78 -15.39 14.86 -5.80
N ASN J 79 -16.47 14.68 -6.57
CA ASN J 79 -17.36 15.79 -6.99
C ASN J 79 -18.66 15.66 -6.21
N LEU J 80 -19.23 16.75 -5.75
CA LEU J 80 -20.51 16.73 -5.00
C LEU J 80 -21.60 17.49 -5.78
N CYS J 81 -22.83 17.04 -5.67
CA CYS J 81 -24.02 17.82 -6.04
C CYS J 81 -24.74 18.16 -4.75
N ALA J 82 -24.68 19.40 -4.29
CA ALA J 82 -25.10 19.77 -2.90
C ALA J 82 -26.16 20.86 -2.92
N SER J 83 -27.23 20.70 -2.14
CA SER J 83 -28.30 21.71 -1.93
C SER J 83 -27.87 22.71 -0.86
N GLU J 84 -27.92 24.00 -1.21
CA GLU J 84 -27.60 25.11 -0.26
C GLU J 84 -28.85 25.50 0.53
N ALA J 85 -29.99 24.80 0.37
CA ALA J 85 -31.23 25.13 1.10
C ALA J 85 -31.10 24.76 2.59
N TYR J 86 -30.01 24.13 3.01
CA TYR J 86 -29.83 23.65 4.41
C TYR J 86 -28.40 24.00 4.81
N THR J 87 -28.13 24.12 6.09
CA THR J 87 -26.79 24.39 6.65
C THR J 87 -26.58 23.42 7.79
N PRO J 88 -25.66 22.43 7.73
CA PRO J 88 -24.85 22.18 6.54
C PRO J 88 -25.65 21.80 5.29
N ASN J 89 -25.05 22.08 4.13
CA ASN J 89 -25.63 21.75 2.82
C ASN J 89 -25.83 20.23 2.75
N HIS J 90 -26.84 19.77 2.04
CA HIS J 90 -27.18 18.33 1.87
C HIS J 90 -26.56 17.82 0.58
N VAL J 91 -25.93 16.66 0.64
CA VAL J 91 -25.40 15.99 -0.57
C VAL J 91 -26.55 15.25 -1.26
N TRP J 92 -26.79 15.55 -2.53
CA TRP J 92 -27.81 14.81 -3.31
C TRP J 92 -27.13 13.89 -4.32
N ALA J 93 -25.84 14.08 -4.59
CA ALA J 93 -25.11 13.09 -5.40
C ALA J 93 -23.60 13.25 -5.13
N ILE J 94 -22.86 12.17 -5.28
CA ILE J 94 -21.40 12.22 -5.08
C ILE J 94 -20.75 11.33 -6.10
N GLU J 95 -19.60 11.76 -6.59
CA GLU J 95 -18.82 11.04 -7.60
C GLU J 95 -17.39 10.85 -7.12
N LEU J 96 -16.93 9.62 -7.09
CA LEU J 96 -15.53 9.33 -6.76
C LEU J 96 -14.68 9.77 -7.99
N ALA J 97 -13.60 10.52 -7.78
CA ALA J 97 -12.86 11.10 -8.91
C ALA J 97 -11.39 11.09 -8.60
N PRO J 98 -10.74 9.91 -8.55
CA PRO J 98 -9.33 9.84 -8.19
C PRO J 98 -8.36 10.59 -9.12
N HIS J 99 -8.60 10.61 -10.43
CA HIS J 99 -7.52 11.11 -11.34
C HIS J 99 -7.82 12.57 -11.68
#